data_9FIS
#
_entry.id   9FIS
#
_cell.length_a   74.84
_cell.length_b   70.58
_cell.length_c   78.59
_cell.angle_alpha   90
_cell.angle_beta   92.96
_cell.angle_gamma   90
#
_symmetry.space_group_name_H-M   'P 1 21 1'
#
loop_
_entity.id
_entity.type
_entity.pdbx_description
1 polymer 'Ubiquitin carboxyl-terminal hydrolase 7'
2 non-polymer 3-[[4-oxidanyl-1-[(3~{R},4~{R})-3-phenyl-1-(2-phenylethyl)piperidin-4-yl]carbonyl-piperidin-4-yl]methyl]quinazolin-4-one
3 water water
#
_entity_poly.entity_id   1
_entity_poly.type   'polypeptide(L)'
_entity_poly.pdbx_seq_one_letter_code
;MKKHTGYVGLKNQGATCYMNSLLQTLFFTNQLRKAVYMMPTEGDDSSKSVPLALQRVFYELQHSDKPVGTKKLTKSFGWE
TLDSFMQHDVQELCRVLLDNVENKMKGTCVEGTIPKLFRGKMVSYIQCKEVDYRSDRREDYYDIQLSIKGKKNIFESFVD
YVAVEQLDGDNKYDAGEHGLQEAEKGVKFLTLPPVLHLQLMRFMYDPQTDQNIKINDRFEFPEQLPLDEFLQKTDPKDPA
NYILHAVLVHSGDNHGGHYVVYLNPKGDGKWCKFDDDVVSRCTKEEAIEHNYGGHDDDLSVRHCTNAYMLVYIRESKLSE
VLQAVTDHDIPQQLVERLQEEKRIEAQKRKERQEHHHHHH
;
_entity_poly.pdbx_strand_id   A,B
#
loop_
_chem_comp.id
_chem_comp.type
_chem_comp.name
_chem_comp.formula
A1ICW non-polymer 3-[[4-oxidanyl-1-[(3~{R},4~{R})-3-phenyl-1-(2-phenylethyl)piperidin-4-yl]carbonyl-piperidin-4-yl]methyl]quinazolin-4-one 'C34 H38 N4 O3'
#
# COMPACT_ATOMS: atom_id res chain seq x y z
N THR A 5 1.55 26.14 -11.29
CA THR A 5 0.44 25.54 -12.09
C THR A 5 -0.88 26.18 -11.70
N GLY A 6 -1.11 26.31 -10.36
CA GLY A 6 -2.38 26.73 -9.78
C GLY A 6 -3.38 25.57 -9.65
N TYR A 7 -2.90 24.33 -9.84
CA TYR A 7 -3.65 23.09 -9.60
C TYR A 7 -3.15 22.44 -8.30
N VAL A 8 -4.01 21.69 -7.60
CA VAL A 8 -3.67 21.19 -6.28
C VAL A 8 -3.77 19.66 -6.28
N GLY A 9 -3.09 19.03 -5.30
CA GLY A 9 -2.86 17.60 -5.28
C GLY A 9 -3.74 16.86 -4.26
N LEU A 10 -3.69 15.53 -4.33
CA LEU A 10 -4.39 14.66 -3.39
C LEU A 10 -3.41 13.96 -2.45
N LYS A 11 -3.79 13.85 -1.18
CA LYS A 11 -2.92 13.24 -0.18
C LYS A 11 -2.85 11.72 -0.35
N ASN A 12 -1.74 11.11 0.11
CA ASN A 12 -1.54 9.66 0.04
C ASN A 12 -2.42 8.93 1.07
N GLN A 13 -2.10 9.06 2.36
CA GLN A 13 -2.96 8.55 3.42
C GLN A 13 -3.32 7.05 3.32
N GLY A 14 -2.56 6.23 2.59
CA GLY A 14 -2.83 4.80 2.62
C GLY A 14 -2.35 4.05 1.38
N ALA A 15 -3.18 3.10 0.94
CA ALA A 15 -2.87 2.22 -0.16
C ALA A 15 -3.93 2.31 -1.24
N THR A 16 -4.32 3.52 -1.66
CA THR A 16 -5.49 3.67 -2.52
C THR A 16 -5.12 3.55 -4.01
N CYS A 17 -3.84 3.35 -4.30
CA CYS A 17 -3.37 2.96 -5.62
C CYS A 17 -3.71 3.99 -6.70
N TYR A 18 -4.53 3.56 -7.68
CA TYR A 18 -4.97 4.35 -8.81
C TYR A 18 -6.06 5.35 -8.42
N MET A 19 -6.53 5.32 -7.16
CA MET A 19 -7.69 6.14 -6.78
C MET A 19 -7.46 7.63 -7.03
N ASN A 20 -6.35 8.17 -6.53
CA ASN A 20 -6.05 9.58 -6.75
C ASN A 20 -5.96 9.89 -8.24
N SER A 21 -5.41 8.96 -9.04
CA SER A 21 -5.22 9.18 -10.47
C SER A 21 -6.57 9.30 -11.19
N LEU A 22 -7.55 8.49 -10.77
CA LEU A 22 -8.86 8.54 -11.40
C LEU A 22 -9.55 9.85 -11.06
N LEU A 23 -9.39 10.30 -9.81
CA LEU A 23 -10.19 11.38 -9.29
C LEU A 23 -9.84 12.67 -10.03
N GLN A 24 -8.56 12.92 -10.24
CA GLN A 24 -8.14 14.09 -11.00
C GLN A 24 -8.74 14.01 -12.40
N THR A 25 -8.79 12.81 -12.99
CA THR A 25 -9.28 12.63 -14.34
C THR A 25 -10.74 13.10 -14.48
N LEU A 26 -11.57 12.73 -13.52
CA LEU A 26 -12.98 13.06 -13.49
C LEU A 26 -13.17 14.56 -13.21
N PHE A 27 -12.41 15.10 -12.24
CA PHE A 27 -12.47 16.50 -11.88
C PHE A 27 -12.28 17.39 -13.11
N PHE A 28 -11.32 17.05 -13.99
CA PHE A 28 -10.99 17.87 -15.15
C PHE A 28 -11.82 17.45 -16.37
N THR A 29 -12.78 16.53 -16.21
CA THR A 29 -13.93 16.51 -17.10
C THR A 29 -14.96 17.55 -16.62
N ASN A 30 -14.72 18.79 -17.01
CA ASN A 30 -15.45 19.93 -16.43
C ASN A 30 -16.97 19.77 -16.53
N GLN A 31 -17.45 19.22 -17.64
CA GLN A 31 -18.89 19.09 -17.77
C GLN A 31 -19.47 18.20 -16.68
N LEU A 32 -18.76 17.12 -16.33
CA LEU A 32 -19.17 16.22 -15.27
C LEU A 32 -19.14 16.94 -13.92
N ARG A 33 -18.05 17.66 -13.65
CA ARG A 33 -17.91 18.37 -12.38
C ARG A 33 -19.13 19.25 -12.11
N LYS A 34 -19.52 20.10 -13.06
CA LYS A 34 -20.65 21.00 -12.89
C LYS A 34 -21.93 20.23 -12.54
N ALA A 35 -22.25 19.20 -13.33
CA ALA A 35 -23.43 18.40 -13.02
C ALA A 35 -23.31 17.67 -11.68
N VAL A 36 -22.09 17.32 -11.23
CA VAL A 36 -21.95 16.76 -9.89
C VAL A 36 -22.35 17.79 -8.83
N TYR A 37 -21.88 19.04 -8.92
CA TYR A 37 -22.29 20.04 -7.94
C TYR A 37 -23.80 20.31 -7.95
N MET A 38 -24.55 19.99 -9.04
CA MET A 38 -25.98 20.26 -9.07
C MET A 38 -26.78 19.18 -8.35
N MET A 39 -26.15 18.16 -7.82
CA MET A 39 -26.94 17.10 -7.21
C MET A 39 -27.60 17.67 -5.96
N PRO A 40 -28.83 17.24 -5.66
CA PRO A 40 -29.49 17.60 -4.40
C PRO A 40 -29.11 16.65 -3.26
N THR A 41 -27.99 16.97 -2.60
CA THR A 41 -27.47 16.16 -1.50
C THR A 41 -27.73 16.85 -0.17
N GLU A 42 -28.57 17.88 -0.19
CA GLU A 42 -28.94 18.66 0.97
C GLU A 42 -29.45 17.82 2.15
N GLY A 43 -30.15 16.70 1.87
CA GLY A 43 -30.74 15.85 2.90
C GLY A 43 -29.86 14.65 3.29
N ASP A 44 -28.98 14.22 2.37
CA ASP A 44 -28.16 13.02 2.52
C ASP A 44 -27.33 13.04 3.81
N ASP A 45 -27.04 11.85 4.33
CA ASP A 45 -26.23 11.66 5.54
C ASP A 45 -24.74 11.79 5.21
N SER A 46 -24.05 12.67 5.95
CA SER A 46 -22.63 12.97 5.73
C SER A 46 -21.83 11.72 5.41
N SER A 47 -21.87 10.76 6.35
CA SER A 47 -20.87 9.71 6.42
C SER A 47 -21.05 8.68 5.31
N LYS A 48 -22.30 8.37 4.92
CA LYS A 48 -22.54 7.21 4.04
C LYS A 48 -22.99 7.59 2.62
N SER A 49 -23.21 8.89 2.29
CA SER A 49 -23.50 9.29 0.91
C SER A 49 -22.23 9.44 0.06
N VAL A 50 -22.13 8.60 -0.97
CA VAL A 50 -21.06 8.67 -1.97
C VAL A 50 -21.19 9.97 -2.77
N PRO A 51 -22.39 10.32 -3.31
CA PRO A 51 -22.62 11.59 -4.01
C PRO A 51 -22.13 12.82 -3.25
N LEU A 52 -22.42 12.91 -1.96
CA LEU A 52 -21.98 14.04 -1.16
C LEU A 52 -20.47 14.03 -1.10
N ALA A 53 -19.87 12.86 -0.83
CA ALA A 53 -18.42 12.79 -0.68
C ALA A 53 -17.68 13.23 -1.94
N LEU A 54 -18.19 12.90 -3.12
CA LEU A 54 -17.54 13.29 -4.38
C LEU A 54 -17.64 14.81 -4.52
N GLN A 55 -18.79 15.38 -4.15
CA GLN A 55 -18.98 16.82 -4.16
C GLN A 55 -17.89 17.49 -3.34
N ARG A 56 -17.68 16.96 -2.13
CA ARG A 56 -16.69 17.49 -1.20
C ARG A 56 -15.30 17.46 -1.83
N VAL A 57 -14.95 16.35 -2.50
CA VAL A 57 -13.59 16.26 -3.03
C VAL A 57 -13.42 17.34 -4.09
N PHE A 58 -14.34 17.39 -5.08
CA PHE A 58 -14.32 18.36 -6.18
C PHE A 58 -14.24 19.80 -5.65
N TYR A 59 -15.08 20.15 -4.66
CA TYR A 59 -15.00 21.46 -4.03
C TYR A 59 -13.56 21.76 -3.58
N GLU A 60 -12.97 20.84 -2.83
CA GLU A 60 -11.66 21.06 -2.23
C GLU A 60 -10.61 21.16 -3.33
N LEU A 61 -10.68 20.30 -4.35
CA LEU A 61 -9.73 20.41 -5.44
C LEU A 61 -9.82 21.79 -6.07
N GLN A 62 -11.03 22.36 -6.08
CA GLN A 62 -11.25 23.65 -6.71
C GLN A 62 -10.80 24.80 -5.80
N HIS A 63 -11.01 24.71 -4.48
CA HIS A 63 -10.76 25.86 -3.60
C HIS A 63 -9.44 25.84 -2.80
N SER A 64 -8.95 24.67 -2.40
CA SER A 64 -7.92 24.56 -1.39
C SER A 64 -6.56 24.99 -1.93
N ASP A 65 -5.71 25.54 -1.07
CA ASP A 65 -4.30 25.78 -1.35
C ASP A 65 -3.44 24.57 -0.98
N LYS A 66 -3.96 23.70 -0.09
CA LYS A 66 -3.22 22.63 0.54
C LYS A 66 -3.68 21.29 -0.04
N PRO A 67 -2.79 20.27 -0.06
CA PRO A 67 -3.16 18.92 -0.52
C PRO A 67 -4.46 18.43 0.11
N VAL A 68 -5.27 17.69 -0.65
CA VAL A 68 -6.64 17.38 -0.28
C VAL A 68 -6.78 15.92 0.14
N GLY A 69 -7.62 15.65 1.16
CA GLY A 69 -7.79 14.32 1.73
C GLY A 69 -9.06 13.61 1.26
N THR A 70 -9.13 12.28 1.48
CA THR A 70 -10.17 11.46 0.87
C THR A 70 -10.70 10.36 1.80
N LYS A 71 -10.41 10.39 3.10
CA LYS A 71 -10.86 9.30 3.95
C LYS A 71 -12.38 9.14 3.89
N LYS A 72 -13.10 10.26 3.98
CA LYS A 72 -14.56 10.24 3.98
C LYS A 72 -15.11 9.64 2.68
N LEU A 73 -14.39 9.80 1.55
CA LEU A 73 -14.77 9.17 0.28
C LEU A 73 -14.66 7.65 0.36
N THR A 74 -13.44 7.18 0.72
CA THR A 74 -13.09 5.76 0.82
C THR A 74 -14.10 5.08 1.74
N LYS A 75 -14.34 5.72 2.89
CA LYS A 75 -15.31 5.26 3.86
C LYS A 75 -16.70 5.11 3.24
N SER A 76 -17.08 6.02 2.34
CA SER A 76 -18.46 6.09 1.88
C SER A 76 -18.83 4.92 0.97
N PHE A 77 -17.92 4.44 0.09
CA PHE A 77 -18.24 3.31 -0.78
C PHE A 77 -17.71 2.00 -0.21
N GLY A 78 -16.94 2.07 0.87
CA GLY A 78 -16.72 0.93 1.74
C GLY A 78 -15.77 -0.11 1.15
N TRP A 79 -14.60 0.35 0.70
CA TRP A 79 -13.49 -0.52 0.32
C TRP A 79 -12.43 -0.45 1.43
N GLU A 80 -12.57 -1.27 2.50
CA GLU A 80 -11.61 -1.18 3.60
C GLU A 80 -11.07 -2.55 4.07
N THR A 81 -11.06 -3.56 3.20
CA THR A 81 -10.32 -4.78 3.46
C THR A 81 -8.88 -4.61 2.95
N LEU A 82 -7.94 -5.39 3.47
CA LEU A 82 -6.52 -5.33 3.10
C LEU A 82 -6.29 -5.48 1.61
N ASP A 83 -7.22 -6.12 0.88
CA ASP A 83 -7.01 -6.44 -0.53
C ASP A 83 -8.04 -5.74 -1.41
N SER A 84 -8.69 -4.69 -0.90
CA SER A 84 -9.77 -4.00 -1.60
C SER A 84 -9.34 -3.46 -2.97
N PHE A 85 -8.24 -2.69 -3.01
CA PHE A 85 -7.81 -2.01 -4.22
C PHE A 85 -6.95 -2.94 -5.07
N MET A 86 -6.34 -3.91 -4.41
CA MET A 86 -5.43 -4.82 -5.07
C MET A 86 -6.23 -5.78 -5.96
N GLN A 87 -7.46 -6.11 -5.54
CA GLN A 87 -8.27 -7.09 -6.25
C GLN A 87 -9.28 -6.46 -7.23
N HIS A 88 -9.11 -5.18 -7.60
CA HIS A 88 -10.08 -4.51 -8.47
C HIS A 88 -9.38 -3.77 -9.62
N ASP A 89 -10.07 -3.67 -10.78
CA ASP A 89 -9.68 -2.85 -11.92
C ASP A 89 -10.05 -1.37 -11.70
N VAL A 90 -9.37 -0.45 -12.40
CA VAL A 90 -9.70 0.96 -12.42
C VAL A 90 -11.15 1.14 -12.84
N GLN A 91 -11.58 0.42 -13.90
CA GLN A 91 -12.88 0.66 -14.49
C GLN A 91 -13.98 0.18 -13.54
N GLU A 92 -13.64 -0.69 -12.57
CA GLU A 92 -14.60 -1.07 -11.54
C GLU A 92 -14.77 0.09 -10.57
N LEU A 93 -13.70 0.82 -10.31
CA LEU A 93 -13.81 1.98 -9.42
C LEU A 93 -14.67 3.03 -10.12
N CYS A 94 -14.43 3.21 -11.43
CA CYS A 94 -15.10 4.22 -12.21
C CYS A 94 -16.61 3.98 -12.19
N ARG A 95 -16.99 2.70 -12.42
CA ARG A 95 -18.39 2.27 -12.48
C ARG A 95 -19.08 2.47 -11.14
N VAL A 96 -18.41 2.18 -10.03
CA VAL A 96 -18.99 2.43 -8.71
C VAL A 96 -19.30 3.92 -8.55
N LEU A 97 -18.34 4.79 -8.87
CA LEU A 97 -18.49 6.22 -8.65
C LEU A 97 -19.55 6.84 -9.58
N LEU A 98 -19.48 6.55 -10.89
CA LEU A 98 -20.36 7.22 -11.84
C LEU A 98 -21.77 6.66 -11.78
N ASP A 99 -21.97 5.44 -11.25
CA ASP A 99 -23.30 4.86 -11.21
C ASP A 99 -24.08 5.41 -10.01
N ASN A 100 -23.38 5.70 -8.91
CA ASN A 100 -24.00 6.34 -7.78
C ASN A 100 -24.52 7.73 -8.17
N VAL A 101 -23.70 8.46 -8.93
CA VAL A 101 -23.97 9.85 -9.28
C VAL A 101 -25.07 9.94 -10.35
N GLU A 102 -25.09 8.99 -11.31
CA GLU A 102 -26.13 8.92 -12.32
C GLU A 102 -27.51 8.81 -11.65
N ASN A 103 -27.63 7.92 -10.65
CA ASN A 103 -28.91 7.65 -9.99
C ASN A 103 -29.41 8.88 -9.23
N LYS A 104 -28.49 9.57 -8.56
CA LYS A 104 -28.82 10.77 -7.81
C LYS A 104 -29.32 11.88 -8.72
N MET A 105 -29.00 11.80 -10.02
CA MET A 105 -29.31 12.86 -10.96
C MET A 105 -30.65 12.63 -11.63
N LYS A 106 -31.35 11.51 -11.35
CA LYS A 106 -32.60 11.31 -12.06
C LYS A 106 -33.69 12.17 -11.44
N GLY A 107 -34.55 12.71 -12.31
CA GLY A 107 -35.58 13.66 -11.93
C GLY A 107 -35.05 15.08 -11.73
N THR A 108 -33.81 15.35 -12.15
CA THR A 108 -33.29 16.71 -12.07
C THR A 108 -33.04 17.25 -13.47
N CYS A 109 -32.55 18.48 -13.55
CA CYS A 109 -32.32 19.19 -14.81
C CYS A 109 -31.09 18.66 -15.52
N VAL A 110 -30.35 17.79 -14.82
CA VAL A 110 -29.06 17.33 -15.29
C VAL A 110 -29.04 15.80 -15.39
N GLU A 111 -30.24 15.19 -15.37
CA GLU A 111 -30.44 13.77 -15.63
C GLU A 111 -29.84 13.41 -16.98
N GLY A 112 -29.25 12.21 -17.06
CA GLY A 112 -28.74 11.66 -18.31
C GLY A 112 -27.36 12.22 -18.69
N THR A 113 -26.68 12.94 -17.77
CA THR A 113 -25.40 13.53 -18.11
C THR A 113 -24.36 12.43 -18.34
N ILE A 114 -24.31 11.41 -17.43
CA ILE A 114 -23.31 10.35 -17.52
C ILE A 114 -23.39 9.67 -18.89
N PRO A 115 -24.53 9.07 -19.28
CA PRO A 115 -24.64 8.45 -20.60
C PRO A 115 -24.31 9.36 -21.78
N LYS A 116 -24.71 10.62 -21.71
CA LYS A 116 -24.36 11.57 -22.75
C LYS A 116 -22.84 11.60 -22.95
N LEU A 117 -22.07 11.52 -21.86
CA LEU A 117 -20.64 11.78 -21.90
C LEU A 117 -19.85 10.53 -22.28
N PHE A 118 -20.28 9.37 -21.76
CA PHE A 118 -19.44 8.18 -21.69
C PHE A 118 -19.97 7.01 -22.53
N ARG A 119 -21.29 6.93 -22.78
CA ARG A 119 -21.84 5.68 -23.32
C ARG A 119 -21.87 5.73 -24.85
N GLY A 120 -21.29 4.70 -25.48
CA GLY A 120 -21.47 4.45 -26.91
C GLY A 120 -22.10 3.08 -27.15
N LYS A 121 -22.23 2.68 -28.43
CA LYS A 121 -22.94 1.44 -28.76
C LYS A 121 -22.31 0.63 -29.91
N MET A 122 -22.61 -0.68 -29.90
CA MET A 122 -21.76 -1.74 -30.42
C MET A 122 -22.62 -2.96 -30.79
N VAL A 123 -22.19 -3.73 -31.79
CA VAL A 123 -22.94 -4.87 -32.32
C VAL A 123 -22.01 -6.07 -32.45
N SER A 124 -22.38 -7.19 -31.78
CA SER A 124 -21.68 -8.46 -31.88
C SER A 124 -22.50 -9.45 -32.69
N TYR A 125 -21.91 -10.03 -33.77
CA TYR A 125 -22.66 -10.88 -34.68
C TYR A 125 -22.03 -12.25 -34.89
N ILE A 126 -22.90 -13.25 -35.16
CA ILE A 126 -22.51 -14.54 -35.71
C ILE A 126 -23.32 -14.77 -36.97
N GLN A 127 -22.65 -15.15 -38.07
CA GLN A 127 -23.30 -15.37 -39.35
C GLN A 127 -22.86 -16.70 -39.97
N CYS A 128 -23.82 -17.55 -40.34
CA CYS A 128 -23.54 -18.87 -40.92
C CYS A 128 -23.20 -18.74 -42.41
N LYS A 129 -22.19 -19.49 -42.87
CA LYS A 129 -21.74 -19.41 -44.26
C LYS A 129 -22.76 -20.06 -45.18
N GLU A 130 -23.00 -21.37 -45.05
CA GLU A 130 -23.79 -22.11 -46.01
C GLU A 130 -25.31 -21.97 -45.83
N VAL A 131 -25.79 -21.71 -44.60
CA VAL A 131 -27.23 -21.65 -44.33
C VAL A 131 -27.65 -20.24 -43.90
N ASP A 132 -28.94 -19.93 -44.06
CA ASP A 132 -29.47 -18.61 -43.73
C ASP A 132 -29.86 -18.52 -42.24
N TYR A 133 -28.95 -17.96 -41.44
CA TYR A 133 -29.14 -17.79 -40.01
C TYR A 133 -28.08 -16.82 -39.52
N ARG A 134 -28.50 -15.80 -38.77
CA ARG A 134 -27.60 -14.79 -38.21
C ARG A 134 -28.10 -14.40 -36.81
N SER A 135 -27.17 -14.13 -35.88
CA SER A 135 -27.52 -13.60 -34.56
C SER A 135 -26.81 -12.27 -34.33
N ASP A 136 -27.59 -11.21 -34.11
CA ASP A 136 -27.07 -9.90 -33.76
C ASP A 136 -27.46 -9.56 -32.32
N ARG A 137 -26.47 -9.22 -31.46
CA ARG A 137 -26.79 -8.63 -30.16
C ARG A 137 -26.16 -7.24 -30.07
N ARG A 138 -27.00 -6.28 -29.63
CA ARG A 138 -26.60 -4.89 -29.48
C ARG A 138 -26.31 -4.61 -28.00
N GLU A 139 -25.20 -3.94 -27.72
CA GLU A 139 -24.80 -3.64 -26.36
C GLU A 139 -24.30 -2.20 -26.26
N ASP A 140 -24.51 -1.60 -25.07
CA ASP A 140 -23.99 -0.29 -24.71
C ASP A 140 -22.67 -0.51 -23.99
N TYR A 141 -21.76 0.48 -24.04
CA TYR A 141 -20.50 0.34 -23.35
C TYR A 141 -20.05 1.71 -22.81
N TYR A 142 -19.34 1.69 -21.67
CA TYR A 142 -18.85 2.91 -21.04
C TYR A 142 -17.34 3.01 -21.15
N ASP A 143 -16.68 1.92 -21.60
CA ASP A 143 -15.22 1.87 -21.69
C ASP A 143 -14.84 0.72 -22.61
N ILE A 144 -13.56 0.63 -22.98
CA ILE A 144 -13.08 -0.44 -23.87
C ILE A 144 -11.76 -1.05 -23.38
N GLN A 145 -11.67 -2.37 -23.44
CA GLN A 145 -10.53 -3.11 -22.96
C GLN A 145 -9.71 -3.53 -24.17
N LEU A 146 -8.50 -2.96 -24.37
CA LEU A 146 -7.70 -3.22 -25.56
C LEU A 146 -6.52 -4.16 -25.28
N SER A 147 -6.24 -5.03 -26.26
CA SER A 147 -5.17 -6.01 -26.16
C SER A 147 -3.85 -5.41 -26.60
N ILE A 148 -2.80 -5.63 -25.80
CA ILE A 148 -1.50 -5.01 -26.02
C ILE A 148 -0.48 -6.01 -26.59
N LYS A 149 -0.56 -7.29 -26.17
CA LYS A 149 0.38 -8.32 -26.62
C LYS A 149 0.40 -8.42 -28.15
N GLY A 150 1.60 -8.38 -28.73
CA GLY A 150 1.80 -8.56 -30.16
C GLY A 150 1.33 -7.33 -30.95
N LYS A 151 1.17 -6.19 -30.26
CA LYS A 151 0.63 -5.01 -30.92
C LYS A 151 1.55 -3.80 -30.74
N LYS A 152 1.92 -3.18 -31.87
CA LYS A 152 2.80 -2.03 -31.90
C LYS A 152 2.11 -0.80 -31.33
N ASN A 153 0.80 -0.67 -31.54
CA ASN A 153 0.13 0.60 -31.34
C ASN A 153 -1.39 0.45 -31.25
N ILE A 154 -2.06 1.57 -30.91
CA ILE A 154 -3.51 1.64 -30.81
C ILE A 154 -4.21 1.19 -32.10
N PHE A 155 -3.67 1.55 -33.27
CA PHE A 155 -4.27 1.16 -34.55
C PHE A 155 -4.29 -0.36 -34.68
N GLU A 156 -3.18 -1.01 -34.30
CA GLU A 156 -3.10 -2.45 -34.34
C GLU A 156 -4.13 -3.08 -33.38
N SER A 157 -4.26 -2.54 -32.14
CA SER A 157 -5.23 -3.01 -31.15
C SER A 157 -6.68 -2.92 -31.64
N PHE A 158 -6.97 -1.85 -32.41
CA PHE A 158 -8.32 -1.65 -32.93
C PHE A 158 -8.59 -2.64 -34.06
N VAL A 159 -7.65 -2.76 -35.01
CA VAL A 159 -7.77 -3.74 -36.09
C VAL A 159 -8.13 -5.12 -35.51
N ASP A 160 -7.41 -5.53 -34.46
CA ASP A 160 -7.62 -6.80 -33.78
C ASP A 160 -8.99 -6.88 -33.13
N TYR A 161 -9.47 -5.77 -32.52
CA TYR A 161 -10.76 -5.77 -31.85
C TYR A 161 -11.90 -6.07 -32.84
N VAL A 162 -11.86 -5.52 -34.07
CA VAL A 162 -12.95 -5.70 -35.03
C VAL A 162 -12.68 -6.89 -35.97
N ALA A 163 -11.73 -7.76 -35.61
CA ALA A 163 -11.35 -8.89 -36.45
C ALA A 163 -12.40 -9.99 -36.49
N VAL A 164 -12.73 -10.42 -37.72
CA VAL A 164 -13.54 -11.58 -38.03
C VAL A 164 -12.86 -12.88 -37.57
N GLU A 165 -13.41 -13.51 -36.52
CA GLU A 165 -12.97 -14.84 -36.11
C GLU A 165 -13.61 -15.89 -37.02
N GLN A 166 -12.95 -17.05 -37.16
CA GLN A 166 -13.37 -18.09 -38.08
C GLN A 166 -13.73 -19.39 -37.37
N LEU A 167 -14.91 -19.95 -37.68
CA LEU A 167 -15.39 -21.15 -37.00
C LEU A 167 -15.41 -22.35 -37.95
N ASP A 168 -14.49 -23.31 -37.72
CA ASP A 168 -14.26 -24.44 -38.62
C ASP A 168 -14.51 -25.76 -37.90
N GLY A 169 -14.09 -26.87 -38.53
CA GLY A 169 -14.24 -28.19 -37.94
C GLY A 169 -13.78 -28.17 -36.48
N ASP A 170 -14.52 -28.85 -35.60
CA ASP A 170 -14.23 -28.92 -34.18
C ASP A 170 -14.52 -27.58 -33.48
N ASN A 171 -14.55 -26.48 -34.25
CA ASN A 171 -14.85 -25.16 -33.73
C ASN A 171 -16.04 -24.57 -34.49
N LYS A 172 -16.89 -25.45 -35.03
CA LYS A 172 -18.07 -25.04 -35.77
C LYS A 172 -19.13 -24.48 -34.81
N TYR A 173 -20.07 -23.69 -35.35
CA TYR A 173 -21.11 -23.04 -34.55
C TYR A 173 -22.32 -23.96 -34.42
N ASP A 174 -22.94 -24.02 -33.24
CA ASP A 174 -24.16 -24.79 -33.10
C ASP A 174 -25.36 -23.87 -33.37
N ALA A 175 -25.93 -23.98 -34.58
CA ALA A 175 -26.99 -23.08 -35.01
C ALA A 175 -28.40 -23.61 -34.71
N GLY A 176 -28.52 -24.57 -33.77
CA GLY A 176 -29.82 -24.96 -33.27
C GLY A 176 -30.56 -25.93 -34.19
N GLU A 177 -31.69 -25.49 -34.76
CA GLU A 177 -32.46 -26.27 -35.72
C GLU A 177 -31.50 -26.85 -36.77
N HIS A 178 -30.52 -26.05 -37.18
CA HIS A 178 -29.70 -26.34 -38.35
C HIS A 178 -28.51 -27.24 -38.01
N GLY A 179 -28.24 -27.43 -36.71
CA GLY A 179 -27.12 -28.24 -36.27
C GLY A 179 -25.80 -27.46 -36.38
N LEU A 180 -24.69 -28.21 -36.41
CA LEU A 180 -23.35 -27.62 -36.44
C LEU A 180 -23.12 -27.02 -37.81
N GLN A 181 -22.47 -25.85 -37.84
CA GLN A 181 -22.26 -25.10 -39.07
C GLN A 181 -20.92 -24.38 -39.05
N GLU A 182 -20.57 -23.88 -40.22
CA GLU A 182 -19.43 -23.01 -40.42
C GLU A 182 -19.91 -21.56 -40.43
N ALA A 183 -19.23 -20.71 -39.64
CA ALA A 183 -19.70 -19.35 -39.42
C ALA A 183 -18.56 -18.34 -39.24
N GLU A 184 -18.89 -17.08 -39.52
CA GLU A 184 -18.05 -15.94 -39.16
C GLU A 184 -18.62 -15.24 -37.92
N LYS A 185 -17.73 -14.84 -37.00
CA LYS A 185 -18.09 -14.13 -35.78
C LYS A 185 -17.27 -12.85 -35.64
N GLY A 186 -17.95 -11.72 -35.38
CA GLY A 186 -17.29 -10.42 -35.39
C GLY A 186 -17.93 -9.40 -34.44
N VAL A 187 -17.36 -8.18 -34.45
CA VAL A 187 -17.82 -7.05 -33.63
C VAL A 187 -17.64 -5.75 -34.42
N LYS A 188 -18.66 -4.88 -34.41
CA LYS A 188 -18.51 -3.54 -34.97
C LYS A 188 -18.99 -2.47 -33.99
N PHE A 189 -18.47 -1.25 -34.20
CA PHE A 189 -18.89 -0.09 -33.48
C PHE A 189 -19.95 0.63 -34.29
N LEU A 190 -21.01 1.06 -33.61
CA LEU A 190 -22.05 1.87 -34.23
C LEU A 190 -21.85 3.35 -33.88
N THR A 191 -21.35 3.62 -32.65
CA THR A 191 -21.06 4.96 -32.15
C THR A 191 -19.92 4.93 -31.11
N LEU A 192 -19.08 5.97 -31.17
CA LEU A 192 -18.04 6.23 -30.18
C LEU A 192 -18.42 7.47 -29.37
N PRO A 193 -18.34 7.46 -28.02
CA PRO A 193 -18.86 8.59 -27.26
C PRO A 193 -17.96 9.81 -27.27
N PRO A 194 -18.47 10.95 -26.75
CA PRO A 194 -17.63 12.16 -26.59
C PRO A 194 -16.33 11.97 -25.80
N VAL A 195 -16.40 11.27 -24.66
CA VAL A 195 -15.24 11.02 -23.83
C VAL A 195 -14.94 9.53 -23.86
N LEU A 196 -13.73 9.16 -24.28
CA LEU A 196 -13.38 7.75 -24.55
C LEU A 196 -12.46 7.21 -23.46
N HIS A 197 -12.94 6.24 -22.67
CA HIS A 197 -12.13 5.54 -21.67
C HIS A 197 -11.56 4.22 -22.25
N LEU A 198 -10.22 4.17 -22.45
CA LEU A 198 -9.56 2.97 -22.93
C LEU A 198 -8.59 2.36 -21.90
N GLN A 199 -8.89 1.15 -21.44
CA GLN A 199 -7.92 0.40 -20.65
C GLN A 199 -7.03 -0.48 -21.54
N LEU A 200 -5.72 -0.40 -21.34
CA LEU A 200 -4.78 -1.31 -21.98
C LEU A 200 -4.64 -2.58 -21.14
N MET A 201 -4.84 -3.75 -21.75
CA MET A 201 -4.80 -4.99 -20.99
C MET A 201 -3.36 -5.42 -20.73
N ARG A 202 -2.77 -4.89 -19.63
CA ARG A 202 -1.39 -5.19 -19.23
C ARG A 202 -1.26 -6.16 -18.04
N PHE A 203 -2.35 -6.56 -17.37
CA PHE A 203 -2.35 -7.52 -16.26
C PHE A 203 -2.92 -8.85 -16.72
N MET A 204 -2.06 -9.84 -17.02
CA MET A 204 -2.49 -11.03 -17.76
C MET A 204 -2.12 -12.32 -17.01
N TYR A 205 -2.97 -13.36 -17.19
CA TYR A 205 -2.82 -14.64 -16.52
C TYR A 205 -1.56 -15.37 -16.99
N ASP A 206 -0.71 -15.72 -16.01
CA ASP A 206 0.49 -16.52 -16.19
C ASP A 206 0.14 -18.00 -16.00
N PRO A 207 0.25 -18.87 -17.04
CA PRO A 207 0.02 -20.30 -16.84
C PRO A 207 1.11 -20.97 -15.99
N GLN A 208 2.34 -20.41 -15.98
CA GLN A 208 3.50 -21.03 -15.32
C GLN A 208 3.51 -20.87 -13.79
N THR A 209 2.73 -19.93 -13.23
CA THR A 209 2.63 -19.74 -11.78
C THR A 209 1.18 -19.64 -11.33
N ASP A 210 0.23 -19.89 -12.24
CA ASP A 210 -1.20 -19.82 -11.92
C ASP A 210 -1.54 -18.50 -11.23
N GLN A 211 -1.20 -17.40 -11.90
CA GLN A 211 -1.43 -16.06 -11.37
C GLN A 211 -1.45 -15.05 -12.53
N ASN A 212 -1.79 -13.79 -12.25
CA ASN A 212 -1.69 -12.76 -13.30
C ASN A 212 -0.50 -11.85 -12.99
N ILE A 213 0.16 -11.35 -14.04
CA ILE A 213 1.38 -10.56 -13.94
C ILE A 213 1.42 -9.48 -15.03
N LYS A 214 2.33 -8.51 -14.85
CA LYS A 214 2.36 -7.29 -15.64
C LYS A 214 3.33 -7.38 -16.84
N ILE A 215 2.80 -7.04 -18.01
CA ILE A 215 3.56 -6.94 -19.25
C ILE A 215 4.13 -5.53 -19.45
N ASN A 216 5.46 -5.40 -19.58
CA ASN A 216 6.05 -4.08 -19.75
C ASN A 216 6.48 -3.83 -21.19
N ASP A 217 5.90 -4.54 -22.15
CA ASP A 217 6.25 -4.38 -23.56
C ASP A 217 5.91 -2.99 -24.08
N ARG A 218 6.55 -2.63 -25.20
CA ARG A 218 6.35 -1.35 -25.84
C ARG A 218 4.93 -1.27 -26.41
N PHE A 219 4.31 -0.08 -26.29
CA PHE A 219 3.00 0.17 -26.88
C PHE A 219 2.78 1.67 -27.12
N GLU A 220 2.67 2.05 -28.39
CA GLU A 220 2.58 3.45 -28.81
C GLU A 220 1.14 3.95 -28.96
N PHE A 221 0.89 5.17 -28.47
CA PHE A 221 -0.38 5.84 -28.68
C PHE A 221 -0.16 7.29 -29.10
N PRO A 222 -0.97 7.78 -30.06
CA PRO A 222 -0.80 9.11 -30.64
C PRO A 222 -1.52 10.20 -29.87
N GLU A 223 -1.06 11.44 -30.11
CA GLU A 223 -1.69 12.62 -29.56
C GLU A 223 -3.05 12.84 -30.21
N GLN A 224 -3.18 12.46 -31.48
CA GLN A 224 -4.41 12.65 -32.24
C GLN A 224 -4.82 11.37 -32.96
N LEU A 225 -6.08 10.94 -32.74
CA LEU A 225 -6.49 9.58 -33.01
C LEU A 225 -7.73 9.53 -33.90
N PRO A 226 -7.58 9.24 -35.21
CA PRO A 226 -8.73 9.12 -36.11
C PRO A 226 -9.29 7.72 -36.06
N LEU A 227 -10.61 7.57 -35.85
CA LEU A 227 -11.23 6.25 -35.71
C LEU A 227 -12.40 6.03 -36.67
N ASP A 228 -12.62 6.89 -37.68
CA ASP A 228 -13.72 6.70 -38.64
C ASP A 228 -13.69 5.33 -39.30
N GLU A 229 -12.51 4.78 -39.57
CA GLU A 229 -12.42 3.56 -40.36
C GLU A 229 -12.84 2.35 -39.53
N PHE A 230 -13.12 2.51 -38.23
CA PHE A 230 -13.63 1.41 -37.42
C PHE A 230 -15.12 1.53 -37.14
N LEU A 231 -15.80 2.47 -37.83
CA LEU A 231 -17.23 2.70 -37.73
C LEU A 231 -17.93 1.99 -38.89
N GLN A 232 -19.12 1.43 -38.64
CA GLN A 232 -19.94 0.83 -39.69
C GLN A 232 -20.41 1.93 -40.66
N LYS A 233 -20.69 3.14 -40.18
CA LYS A 233 -21.10 4.25 -41.02
C LYS A 233 -20.46 5.56 -40.57
N THR A 234 -20.06 6.40 -41.51
CA THR A 234 -19.43 7.66 -41.17
C THR A 234 -20.38 8.82 -41.45
N ASP A 235 -20.07 9.96 -40.82
CA ASP A 235 -20.78 11.21 -41.01
C ASP A 235 -19.75 12.32 -41.26
N PRO A 236 -19.74 12.92 -42.48
CA PRO A 236 -18.79 13.99 -42.80
C PRO A 236 -18.87 15.26 -41.96
N LYS A 237 -19.97 15.46 -41.23
CA LYS A 237 -20.15 16.61 -40.35
C LYS A 237 -19.55 16.38 -38.96
N ASP A 238 -19.27 15.13 -38.57
CA ASP A 238 -18.69 14.83 -37.26
C ASP A 238 -17.75 13.63 -37.39
N PRO A 239 -16.56 13.80 -38.01
CA PRO A 239 -15.59 12.70 -38.09
C PRO A 239 -15.07 12.31 -36.70
N ALA A 240 -14.83 11.01 -36.52
CA ALA A 240 -14.39 10.49 -35.23
C ALA A 240 -12.91 10.76 -35.04
N ASN A 241 -12.54 12.04 -34.86
CA ASN A 241 -11.18 12.46 -34.57
C ASN A 241 -11.07 12.81 -33.09
N TYR A 242 -10.15 12.13 -32.37
CA TYR A 242 -10.01 12.32 -30.93
C TYR A 242 -8.66 12.94 -30.54
N ILE A 243 -8.67 13.63 -29.39
CA ILE A 243 -7.53 14.31 -28.78
C ILE A 243 -7.21 13.62 -27.45
N LEU A 244 -5.92 13.45 -27.15
CA LEU A 244 -5.47 12.88 -25.89
C LEU A 244 -5.56 13.91 -24.76
N HIS A 245 -6.05 13.45 -23.60
CA HIS A 245 -6.34 14.31 -22.47
C HIS A 245 -5.61 13.82 -21.20
N ALA A 246 -5.63 12.50 -20.94
CA ALA A 246 -5.07 11.93 -19.73
C ALA A 246 -4.30 10.63 -20.01
N VAL A 247 -3.16 10.43 -19.32
CA VAL A 247 -2.36 9.21 -19.41
C VAL A 247 -2.12 8.67 -18.00
N LEU A 248 -2.83 7.59 -17.63
CA LEU A 248 -2.70 7.02 -16.29
C LEU A 248 -1.56 6.00 -16.30
N VAL A 249 -0.60 6.15 -15.36
CA VAL A 249 0.69 5.48 -15.45
C VAL A 249 1.01 4.71 -14.17
N HIS A 250 1.79 3.63 -14.29
CA HIS A 250 2.22 2.82 -13.14
C HIS A 250 3.68 2.36 -13.31
N SER A 251 4.43 2.25 -12.21
CA SER A 251 5.77 1.67 -12.28
C SER A 251 5.99 0.68 -11.14
N GLY A 252 6.54 -0.49 -11.50
CA GLY A 252 7.01 -1.49 -10.55
C GLY A 252 6.13 -2.74 -10.57
N ASP A 253 5.99 -3.36 -9.38
CA ASP A 253 5.36 -4.67 -9.20
C ASP A 253 4.69 -4.75 -7.81
N ASN A 254 4.32 -5.98 -7.38
CA ASN A 254 3.66 -6.15 -6.08
C ASN A 254 4.61 -5.91 -4.91
N HIS A 255 5.93 -5.97 -5.12
CA HIS A 255 6.85 -5.66 -4.04
C HIS A 255 6.78 -4.14 -3.81
N GLY A 256 7.05 -3.35 -4.87
CA GLY A 256 6.97 -1.90 -4.85
C GLY A 256 6.36 -1.35 -6.13
N GLY A 257 5.43 -0.38 -6.00
CA GLY A 257 4.66 0.13 -7.11
C GLY A 257 4.12 1.53 -6.82
N HIS A 258 4.08 2.39 -7.85
CA HIS A 258 3.63 3.78 -7.72
C HIS A 258 2.69 4.20 -8.86
N TYR A 259 1.59 4.90 -8.51
CA TYR A 259 0.61 5.40 -9.47
C TYR A 259 0.66 6.92 -9.63
N VAL A 260 0.65 7.37 -10.89
CA VAL A 260 0.77 8.79 -11.22
C VAL A 260 -0.12 9.08 -12.42
N VAL A 261 -0.44 10.33 -12.69
CA VAL A 261 -1.21 10.64 -13.89
C VAL A 261 -0.73 11.94 -14.53
N TYR A 262 -0.67 11.91 -15.87
CA TYR A 262 -0.32 13.07 -16.69
C TYR A 262 -1.59 13.62 -17.35
N LEU A 263 -1.82 14.93 -17.25
CA LEU A 263 -2.97 15.58 -17.89
C LEU A 263 -2.54 16.83 -18.68
N ASN A 264 -3.32 17.20 -19.69
CA ASN A 264 -3.32 18.58 -20.20
C ASN A 264 -4.74 19.10 -20.10
N PRO A 265 -5.13 19.64 -18.93
CA PRO A 265 -6.54 19.81 -18.57
C PRO A 265 -7.37 20.71 -19.48
N LYS A 266 -6.74 21.66 -20.15
CA LYS A 266 -7.44 22.54 -21.07
C LYS A 266 -7.51 22.01 -22.50
N GLY A 267 -6.89 20.88 -22.81
CA GLY A 267 -6.93 20.30 -24.14
C GLY A 267 -6.02 21.02 -25.13
N ASP A 268 -5.07 21.79 -24.59
CA ASP A 268 -4.24 22.73 -25.34
C ASP A 268 -2.83 22.19 -25.59
N GLY A 269 -2.51 21.00 -25.07
CA GLY A 269 -1.20 20.39 -25.29
C GLY A 269 -0.14 20.90 -24.33
N LYS A 270 -0.58 21.48 -23.20
CA LYS A 270 0.28 21.92 -22.12
C LYS A 270 0.09 20.96 -20.93
N TRP A 271 1.13 20.18 -20.62
CA TRP A 271 0.98 19.02 -19.75
C TRP A 271 1.54 19.25 -18.35
N CYS A 272 0.90 18.57 -17.39
CA CYS A 272 1.29 18.57 -16.00
C CYS A 272 1.29 17.16 -15.45
N LYS A 273 2.20 16.95 -14.49
CA LYS A 273 2.34 15.68 -13.81
C LYS A 273 1.76 15.82 -12.41
N PHE A 274 0.81 14.91 -12.11
CA PHE A 274 0.13 14.82 -10.83
C PHE A 274 0.61 13.59 -10.07
N ASP A 275 1.30 13.82 -8.95
CA ASP A 275 1.86 12.76 -8.11
C ASP A 275 1.49 13.01 -6.65
N ASP A 276 0.36 12.45 -6.24
CA ASP A 276 -0.22 12.72 -4.92
C ASP A 276 -0.18 14.22 -4.60
N ASP A 277 0.63 14.63 -3.64
CA ASP A 277 0.57 15.97 -3.10
C ASP A 277 1.31 16.95 -4.02
N VAL A 278 2.14 16.45 -4.93
CA VAL A 278 3.00 17.29 -5.74
C VAL A 278 2.53 17.28 -7.19
N VAL A 279 2.16 18.46 -7.67
CA VAL A 279 1.80 18.69 -9.06
C VAL A 279 2.84 19.63 -9.67
N SER A 280 3.25 19.33 -10.91
CA SER A 280 4.34 20.07 -11.53
C SER A 280 4.19 20.09 -13.04
N ARG A 281 4.73 21.13 -13.67
CA ARG A 281 4.76 21.22 -15.13
C ARG A 281 5.66 20.12 -15.69
N CYS A 282 5.34 19.61 -16.90
CA CYS A 282 6.19 18.63 -17.59
C CYS A 282 6.10 18.79 -19.11
N THR A 283 7.00 18.13 -19.84
CA THR A 283 6.99 18.15 -21.29
C THR A 283 5.97 17.17 -21.86
N LYS A 284 5.69 17.38 -23.14
CA LYS A 284 4.83 16.49 -23.89
C LYS A 284 5.49 15.11 -24.01
N GLU A 285 6.82 15.09 -24.10
CA GLU A 285 7.55 13.84 -24.26
C GLU A 285 7.46 13.01 -22.98
N GLU A 286 7.37 13.68 -21.82
CA GLU A 286 7.24 13.00 -20.54
C GLU A 286 5.85 12.38 -20.38
N ALA A 287 4.82 12.99 -21.01
CA ALA A 287 3.44 12.52 -20.88
C ALA A 287 3.18 11.37 -21.85
N ILE A 288 3.79 11.42 -23.02
CA ILE A 288 3.45 10.51 -24.11
C ILE A 288 4.55 9.47 -24.32
N GLU A 289 5.66 9.81 -25.00
CA GLU A 289 6.59 8.79 -25.44
C GLU A 289 7.29 8.11 -24.26
N HIS A 290 7.61 8.82 -23.18
CA HIS A 290 8.28 8.17 -22.05
C HIS A 290 7.35 7.23 -21.30
N ASN A 291 6.13 6.99 -21.83
CA ASN A 291 5.16 6.07 -21.23
C ASN A 291 4.81 4.90 -22.17
N TYR A 292 5.54 4.79 -23.29
CA TYR A 292 5.35 3.72 -24.26
C TYR A 292 5.86 2.40 -23.67
N GLY A 293 6.94 2.45 -22.87
CA GLY A 293 7.60 1.26 -22.34
C GLY A 293 8.60 0.66 -23.33
N GLY A 294 8.89 -0.65 -23.20
CA GLY A 294 9.58 -1.39 -24.25
C GLY A 294 10.82 -2.15 -23.76
N CYS A 304 9.70 -0.04 -14.16
CA CYS A 304 9.46 0.43 -15.56
C CYS A 304 8.12 1.17 -15.63
N THR A 305 8.15 2.43 -16.11
CA THR A 305 7.01 3.35 -16.01
C THR A 305 6.24 3.39 -17.34
N ASN A 306 4.97 2.96 -17.32
CA ASN A 306 4.15 3.00 -18.53
C ASN A 306 2.64 3.17 -18.26
N ALA A 307 1.87 3.24 -19.35
CA ALA A 307 0.45 3.58 -19.35
C ALA A 307 -0.43 2.34 -19.19
N TYR A 308 -1.51 2.43 -18.41
CA TYR A 308 -2.52 1.38 -18.34
C TYR A 308 -3.93 1.88 -18.72
N MET A 309 -4.11 3.20 -18.85
CA MET A 309 -5.39 3.77 -19.21
C MET A 309 -5.17 5.13 -19.88
N LEU A 310 -5.90 5.30 -20.99
CA LEU A 310 -5.92 6.52 -21.79
C LEU A 310 -7.33 7.13 -21.75
N VAL A 311 -7.38 8.47 -21.68
CA VAL A 311 -8.60 9.20 -21.95
C VAL A 311 -8.40 10.09 -23.18
N TYR A 312 -9.31 9.91 -24.16
CA TYR A 312 -9.39 10.75 -25.35
C TYR A 312 -10.73 11.52 -25.41
N ILE A 313 -10.69 12.77 -25.90
CA ILE A 313 -11.92 13.56 -26.09
C ILE A 313 -12.13 13.96 -27.56
N ARG A 314 -13.38 13.87 -28.01
CA ARG A 314 -13.72 14.09 -29.43
C ARG A 314 -13.57 15.55 -29.80
N GLU A 315 -12.87 15.81 -30.90
CA GLU A 315 -12.52 17.17 -31.32
C GLU A 315 -13.72 18.11 -31.34
N SER A 316 -14.86 17.67 -31.89
CA SER A 316 -16.03 18.53 -32.02
C SER A 316 -16.65 18.85 -30.66
N LYS A 317 -16.34 18.03 -29.63
CA LYS A 317 -16.92 18.17 -28.31
C LYS A 317 -15.96 18.79 -27.28
N LEU A 318 -14.73 19.10 -27.69
CA LEU A 318 -13.70 19.58 -26.80
C LEU A 318 -14.17 20.71 -25.88
N SER A 319 -14.72 21.79 -26.47
CA SER A 319 -15.06 23.02 -25.73
C SER A 319 -16.23 22.82 -24.78
N GLU A 320 -17.19 21.96 -25.16
CA GLU A 320 -18.36 21.71 -24.33
C GLU A 320 -17.94 20.90 -23.09
N VAL A 321 -17.25 19.78 -23.33
CA VAL A 321 -16.74 18.93 -22.25
C VAL A 321 -15.85 19.72 -21.29
N LEU A 322 -14.97 20.58 -21.85
CA LEU A 322 -13.98 21.32 -21.09
C LEU A 322 -14.42 22.75 -20.77
N GLN A 323 -15.73 23.03 -20.82
CA GLN A 323 -16.25 24.36 -20.50
C GLN A 323 -15.75 24.85 -19.13
N ALA A 324 -15.54 26.15 -19.00
CA ALA A 324 -14.95 26.76 -17.81
C ALA A 324 -15.89 26.64 -16.62
N VAL A 325 -15.30 26.66 -15.41
CA VAL A 325 -16.05 26.60 -14.17
C VAL A 325 -15.67 27.79 -13.29
N THR A 326 -16.65 28.35 -12.58
CA THR A 326 -16.44 29.40 -11.60
C THR A 326 -16.98 28.95 -10.24
N ASP A 327 -16.70 29.72 -9.20
CA ASP A 327 -17.20 29.43 -7.87
C ASP A 327 -18.71 29.67 -7.78
N HIS A 328 -19.31 30.29 -8.81
CA HIS A 328 -20.75 30.56 -8.82
C HIS A 328 -21.53 29.31 -9.22
N ASP A 329 -20.89 28.44 -10.00
CA ASP A 329 -21.41 27.12 -10.35
C ASP A 329 -21.62 26.21 -9.11
N ILE A 330 -21.14 26.57 -7.92
CA ILE A 330 -21.41 25.80 -6.70
C ILE A 330 -22.50 26.46 -5.87
N PRO A 331 -23.67 25.81 -5.72
CA PRO A 331 -24.78 26.31 -4.89
C PRO A 331 -24.42 26.67 -3.46
N GLN A 332 -25.15 27.66 -2.91
CA GLN A 332 -24.96 28.13 -1.56
C GLN A 332 -25.20 27.04 -0.53
N GLN A 333 -26.26 26.23 -0.74
CA GLN A 333 -26.67 25.29 0.29
C GLN A 333 -25.50 24.33 0.57
N LEU A 334 -24.86 23.88 -0.51
CA LEU A 334 -23.69 23.02 -0.42
C LEU A 334 -22.54 23.76 0.27
N VAL A 335 -22.23 24.98 -0.21
CA VAL A 335 -21.08 25.69 0.32
C VAL A 335 -21.21 25.80 1.83
N GLU A 336 -22.41 26.15 2.33
CA GLU A 336 -22.67 26.38 3.74
C GLU A 336 -22.47 25.11 4.57
N ARG A 337 -22.86 23.95 4.01
CA ARG A 337 -22.65 22.69 4.69
C ARG A 337 -21.16 22.40 4.90
N LEU A 338 -20.34 22.70 3.89
CA LEU A 338 -18.92 22.43 3.97
C LEU A 338 -18.17 23.45 4.85
N GLN A 339 -18.63 24.71 4.87
CA GLN A 339 -18.05 25.68 5.78
C GLN A 339 -18.23 25.23 7.24
N GLU A 340 -19.33 24.51 7.51
CA GLU A 340 -19.63 24.00 8.84
C GLU A 340 -18.63 22.92 9.28
N GLU A 341 -18.40 21.94 8.40
CA GLU A 341 -17.46 20.87 8.67
C GLU A 341 -16.07 21.46 8.90
N LYS A 342 -15.68 22.44 8.07
CA LYS A 342 -14.37 23.06 8.10
C LYS A 342 -14.17 23.89 9.37
N ARG A 343 -15.26 24.27 10.05
CA ARG A 343 -15.19 25.00 11.30
C ARG A 343 -14.84 24.01 12.43
N ILE A 344 -15.52 22.86 12.44
CA ILE A 344 -15.26 21.79 13.41
C ILE A 344 -13.86 21.20 13.23
N GLU A 345 -13.30 21.29 12.00
CA GLU A 345 -11.97 20.80 11.68
C GLU A 345 -10.87 21.76 12.19
N ALA A 346 -11.22 22.72 13.04
CA ALA A 346 -10.22 23.47 13.79
C ALA A 346 -10.18 22.88 15.20
N GLN A 347 -9.57 21.69 15.27
CA GLN A 347 -9.21 21.06 16.53
C GLN A 347 -7.69 20.92 16.53
N LYS A 348 -7.00 21.97 16.07
CA LYS A 348 -5.58 21.91 15.75
C LYS A 348 -5.43 21.20 14.39
N HIS B 4 17.52 -22.86 -2.83
CA HIS B 4 18.91 -22.43 -3.18
C HIS B 4 19.55 -21.59 -2.07
N THR B 5 18.87 -20.57 -1.49
CA THR B 5 19.38 -19.92 -0.28
C THR B 5 19.14 -20.84 0.93
N GLY B 6 18.04 -21.63 0.88
CA GLY B 6 17.66 -22.52 1.96
C GLY B 6 16.51 -22.00 2.84
N TYR B 7 15.96 -20.82 2.48
CA TYR B 7 14.95 -20.13 3.27
C TYR B 7 13.78 -19.79 2.36
N VAL B 8 12.57 -19.75 2.92
CA VAL B 8 11.38 -19.49 2.14
C VAL B 8 10.76 -18.16 2.55
N GLY B 9 9.97 -17.56 1.66
CA GLY B 9 9.37 -16.24 1.88
C GLY B 9 7.89 -16.28 2.25
N LEU B 10 7.31 -15.09 2.46
CA LEU B 10 5.90 -14.96 2.86
C LEU B 10 5.09 -14.31 1.73
N LYS B 11 3.85 -14.79 1.55
CA LYS B 11 3.00 -14.29 0.48
C LYS B 11 2.54 -12.87 0.79
N ASN B 12 2.46 -12.06 -0.26
CA ASN B 12 1.92 -10.73 -0.14
C ASN B 12 0.41 -10.81 -0.35
N GLN B 13 -0.35 -10.70 0.75
CA GLN B 13 -1.80 -10.79 0.74
C GLN B 13 -2.48 -9.41 0.81
N GLY B 14 -1.73 -8.30 0.73
CA GLY B 14 -2.33 -7.00 0.88
C GLY B 14 -1.47 -6.04 1.67
N ALA B 15 -2.12 -5.10 2.36
CA ALA B 15 -1.46 -3.91 2.88
C ALA B 15 -1.07 -4.12 4.34
N THR B 16 -0.08 -5.00 4.57
CA THR B 16 0.31 -5.37 5.92
C THR B 16 1.63 -4.72 6.34
N CYS B 17 2.17 -3.85 5.49
CA CYS B 17 3.28 -3.00 5.89
C CYS B 17 4.45 -3.84 6.43
N TYR B 18 4.74 -3.71 7.73
CA TYR B 18 5.96 -4.22 8.37
C TYR B 18 5.79 -5.66 8.88
N MET B 19 4.63 -6.30 8.65
CA MET B 19 4.28 -7.57 9.28
C MET B 19 5.13 -8.74 8.77
N ASN B 20 5.29 -8.86 7.45
CA ASN B 20 6.14 -9.91 6.89
C ASN B 20 7.58 -9.76 7.39
N SER B 21 8.09 -8.52 7.43
CA SER B 21 9.45 -8.22 7.82
C SER B 21 9.72 -8.56 9.29
N LEU B 22 8.71 -8.41 10.17
CA LEU B 22 8.81 -8.71 11.60
C LEU B 22 8.72 -10.20 11.83
N LEU B 23 7.87 -10.85 11.03
CA LEU B 23 7.63 -12.28 11.17
C LEU B 23 8.93 -13.04 10.96
N GLN B 24 9.75 -12.60 10.00
CA GLN B 24 11.02 -13.27 9.72
C GLN B 24 12.01 -13.01 10.85
N THR B 25 12.01 -11.77 11.39
CA THR B 25 12.92 -11.39 12.46
C THR B 25 12.65 -12.29 13.68
N LEU B 26 11.39 -12.54 13.99
CA LEU B 26 11.04 -13.37 15.14
C LEU B 26 11.40 -14.83 14.83
N PHE B 27 11.12 -15.30 13.61
CA PHE B 27 11.37 -16.68 13.25
C PHE B 27 12.84 -17.09 13.46
N PHE B 28 13.77 -16.18 13.13
CA PHE B 28 15.19 -16.45 13.23
C PHE B 28 15.76 -16.01 14.58
N THR B 29 14.89 -15.68 15.55
CA THR B 29 15.27 -15.70 16.96
C THR B 29 14.99 -17.08 17.56
N ASN B 30 15.89 -18.03 17.30
CA ASN B 30 15.61 -19.45 17.36
C ASN B 30 15.15 -19.90 18.74
N GLN B 31 15.71 -19.28 19.78
CA GLN B 31 15.32 -19.63 21.14
C GLN B 31 13.84 -19.36 21.35
N LEU B 32 13.35 -18.25 20.78
CA LEU B 32 11.94 -17.89 20.78
C LEU B 32 11.13 -18.95 20.06
N ARG B 33 11.60 -19.29 18.85
CA ARG B 33 10.89 -20.23 18.00
C ARG B 33 10.71 -21.55 18.73
N LYS B 34 11.76 -22.05 19.42
CA LYS B 34 11.69 -23.29 20.17
C LYS B 34 10.61 -23.20 21.25
N ALA B 35 10.57 -22.10 22.00
CA ALA B 35 9.54 -21.96 23.00
C ALA B 35 8.13 -21.85 22.38
N VAL B 36 7.96 -21.15 21.26
CA VAL B 36 6.66 -21.10 20.59
C VAL B 36 6.16 -22.54 20.35
N TYR B 37 7.01 -23.40 19.76
CA TYR B 37 6.65 -24.79 19.44
C TYR B 37 6.22 -25.58 20.68
N MET B 38 6.69 -25.19 21.89
CA MET B 38 6.37 -25.92 23.11
C MET B 38 5.00 -25.60 23.67
N MET B 39 4.24 -24.68 23.07
CA MET B 39 3.03 -24.23 23.73
C MET B 39 2.00 -25.36 23.69
N PRO B 40 1.20 -25.55 24.76
CA PRO B 40 0.11 -26.53 24.74
C PRO B 40 -1.12 -25.98 24.03
N THR B 41 -1.19 -26.14 22.70
CA THR B 41 -2.31 -25.60 21.93
C THR B 41 -3.29 -26.70 21.53
N GLU B 42 -3.17 -27.89 22.16
CA GLU B 42 -3.93 -29.07 21.79
C GLU B 42 -5.43 -28.79 21.68
N GLY B 43 -5.98 -27.94 22.58
CA GLY B 43 -7.42 -27.77 22.75
C GLY B 43 -7.99 -26.54 22.04
N ASP B 44 -7.12 -25.75 21.38
CA ASP B 44 -7.47 -24.42 20.91
C ASP B 44 -8.31 -24.47 19.64
N ASP B 45 -9.14 -23.43 19.47
CA ASP B 45 -9.96 -23.24 18.28
C ASP B 45 -9.13 -22.63 17.15
N SER B 46 -9.18 -23.28 15.96
CA SER B 46 -8.21 -23.12 14.89
C SER B 46 -8.27 -21.78 14.16
N SER B 47 -9.11 -20.85 14.62
CA SER B 47 -9.30 -19.59 13.91
C SER B 47 -9.20 -18.40 14.86
N LYS B 48 -9.54 -18.60 16.14
CA LYS B 48 -9.48 -17.53 17.13
C LYS B 48 -8.13 -17.47 17.84
N SER B 49 -7.31 -18.54 17.76
CA SER B 49 -6.13 -18.64 18.60
C SER B 49 -4.91 -18.00 17.94
N VAL B 50 -4.34 -17.00 18.61
CA VAL B 50 -3.15 -16.32 18.10
C VAL B 50 -1.93 -17.22 18.29
N PRO B 51 -1.73 -17.85 19.47
CA PRO B 51 -0.62 -18.79 19.67
C PRO B 51 -0.62 -19.90 18.63
N LEU B 52 -1.78 -20.53 18.41
CA LEU B 52 -1.88 -21.55 17.38
C LEU B 52 -1.41 -20.99 16.04
N ALA B 53 -1.93 -19.82 15.66
CA ALA B 53 -1.64 -19.25 14.36
C ALA B 53 -0.16 -18.93 14.16
N LEU B 54 0.57 -18.58 15.24
CA LEU B 54 2.00 -18.28 15.16
C LEU B 54 2.81 -19.57 14.96
N GLN B 55 2.46 -20.62 15.70
CA GLN B 55 3.04 -21.93 15.51
C GLN B 55 2.97 -22.34 14.03
N ARG B 56 1.77 -22.18 13.44
CA ARG B 56 1.53 -22.59 12.07
C ARG B 56 2.49 -21.88 11.12
N VAL B 57 2.71 -20.57 11.32
CA VAL B 57 3.53 -19.80 10.39
C VAL B 57 4.99 -20.26 10.53
N PHE B 58 5.45 -20.34 11.77
CA PHE B 58 6.78 -20.87 12.04
C PHE B 58 7.00 -22.24 11.39
N TYR B 59 6.08 -23.19 11.62
CA TYR B 59 6.18 -24.52 11.04
C TYR B 59 6.32 -24.45 9.52
N GLU B 60 5.38 -23.73 8.89
CA GLU B 60 5.38 -23.61 7.43
C GLU B 60 6.67 -22.94 6.96
N LEU B 61 7.16 -21.91 7.67
CA LEU B 61 8.44 -21.30 7.29
C LEU B 61 9.60 -22.30 7.36
N GLN B 62 9.51 -23.28 8.26
CA GLN B 62 10.61 -24.21 8.48
C GLN B 62 10.53 -25.38 7.49
N HIS B 63 9.33 -25.73 6.98
CA HIS B 63 9.18 -26.95 6.21
C HIS B 63 8.73 -26.74 4.76
N SER B 64 8.09 -25.61 4.42
CA SER B 64 7.47 -25.41 3.12
C SER B 64 8.51 -25.07 2.07
N ASP B 65 8.26 -25.41 0.81
CA ASP B 65 9.10 -25.01 -0.32
C ASP B 65 8.40 -23.96 -1.19
N LYS B 66 7.18 -23.58 -0.78
CA LYS B 66 6.35 -22.64 -1.52
C LYS B 66 6.10 -21.45 -0.61
N PRO B 67 5.95 -20.23 -1.16
CA PRO B 67 5.68 -19.06 -0.32
C PRO B 67 4.56 -19.32 0.70
N VAL B 68 4.66 -18.68 1.88
CA VAL B 68 3.84 -19.03 3.04
C VAL B 68 2.75 -17.99 3.25
N GLY B 69 1.57 -18.44 3.67
CA GLY B 69 0.41 -17.58 3.83
C GLY B 69 0.21 -17.16 5.28
N THR B 70 -0.59 -16.11 5.50
CA THR B 70 -0.69 -15.44 6.79
C THR B 70 -2.10 -14.93 7.09
N LYS B 71 -3.12 -15.40 6.33
CA LYS B 71 -4.48 -14.88 6.49
C LYS B 71 -5.11 -15.28 7.82
N LYS B 72 -4.90 -16.55 8.22
CA LYS B 72 -5.39 -17.06 9.49
C LYS B 72 -4.83 -16.28 10.68
N LEU B 73 -3.57 -15.80 10.56
CA LEU B 73 -2.90 -15.08 11.64
C LEU B 73 -3.55 -13.72 11.85
N THR B 74 -3.59 -12.95 10.76
CA THR B 74 -4.23 -11.63 10.71
C THR B 74 -5.64 -11.68 11.29
N LYS B 75 -6.41 -12.72 10.91
CA LYS B 75 -7.72 -12.90 11.50
C LYS B 75 -7.64 -13.16 13.01
N SER B 76 -6.66 -13.95 13.46
CA SER B 76 -6.66 -14.39 14.84
C SER B 76 -6.47 -13.21 15.80
N PHE B 77 -5.75 -12.17 15.41
CA PHE B 77 -5.61 -10.99 16.28
C PHE B 77 -6.40 -9.79 15.77
N GLY B 78 -7.14 -9.95 14.68
CA GLY B 78 -8.22 -9.02 14.35
C GLY B 78 -7.75 -7.64 13.89
N TRP B 79 -6.61 -7.56 13.20
CA TRP B 79 -6.23 -6.40 12.41
C TRP B 79 -6.56 -6.72 10.95
N GLU B 80 -7.82 -6.48 10.52
CA GLU B 80 -8.28 -6.94 9.22
C GLU B 80 -8.69 -5.80 8.27
N THR B 81 -8.51 -4.54 8.65
CA THR B 81 -8.94 -3.40 7.85
C THR B 81 -7.71 -2.83 7.14
N LEU B 82 -7.94 -1.99 6.12
CA LEU B 82 -6.88 -1.37 5.34
C LEU B 82 -5.92 -0.55 6.22
N ASP B 83 -6.48 0.18 7.19
CA ASP B 83 -5.70 1.13 7.95
C ASP B 83 -5.26 0.53 9.30
N SER B 84 -5.43 -0.79 9.47
CA SER B 84 -4.98 -1.47 10.68
C SER B 84 -3.48 -1.27 10.95
N PHE B 85 -2.65 -1.62 9.96
CA PHE B 85 -1.21 -1.50 10.06
C PHE B 85 -0.74 -0.06 9.87
N MET B 86 -1.42 0.67 8.97
CA MET B 86 -1.00 2.00 8.59
C MET B 86 -1.01 2.93 9.80
N GLN B 87 -1.91 2.68 10.76
CA GLN B 87 -2.04 3.56 11.92
C GLN B 87 -1.44 2.94 13.18
N HIS B 88 -0.52 1.99 13.04
CA HIS B 88 0.21 1.50 14.20
C HIS B 88 1.71 1.51 13.98
N ASP B 89 2.44 1.55 15.10
CA ASP B 89 3.89 1.42 15.11
C ASP B 89 4.28 -0.06 15.20
N VAL B 90 5.51 -0.37 14.77
CA VAL B 90 5.96 -1.74 14.59
C VAL B 90 6.15 -2.43 15.94
N GLN B 91 6.70 -1.73 16.94
CA GLN B 91 6.78 -2.23 18.31
C GLN B 91 5.39 -2.60 18.87
N GLU B 92 4.30 -2.05 18.32
CA GLU B 92 2.97 -2.32 18.85
C GLU B 92 2.51 -3.70 18.37
N LEU B 93 2.78 -4.00 17.08
CA LEU B 93 2.51 -5.32 16.52
C LEU B 93 3.33 -6.35 17.29
N CYS B 94 4.59 -6.01 17.61
CA CYS B 94 5.46 -6.91 18.32
C CYS B 94 4.87 -7.24 19.68
N ARG B 95 4.33 -6.24 20.38
CA ARG B 95 3.84 -6.45 21.74
C ARG B 95 2.55 -7.28 21.71
N VAL B 96 1.75 -7.20 20.65
CA VAL B 96 0.56 -8.02 20.55
C VAL B 96 0.97 -9.50 20.48
N LEU B 97 1.88 -9.80 19.55
CA LEU B 97 2.32 -11.16 19.32
C LEU B 97 3.02 -11.71 20.57
N LEU B 98 3.96 -10.95 21.17
CA LEU B 98 4.78 -11.50 22.25
C LEU B 98 3.96 -11.72 23.53
N ASP B 99 2.92 -10.91 23.77
CA ASP B 99 2.20 -10.99 25.02
C ASP B 99 1.19 -12.13 24.96
N ASN B 100 0.73 -12.46 23.76
CA ASN B 100 -0.08 -13.65 23.61
C ASN B 100 0.73 -14.90 23.98
N VAL B 101 1.94 -15.03 23.42
CA VAL B 101 2.72 -16.24 23.64
C VAL B 101 3.25 -16.30 25.07
N GLU B 102 3.63 -15.16 25.66
CA GLU B 102 4.04 -15.13 27.06
C GLU B 102 2.98 -15.71 28.00
N ASN B 103 1.68 -15.47 27.74
CA ASN B 103 0.61 -15.90 28.63
C ASN B 103 0.32 -17.39 28.45
N LYS B 104 0.42 -17.85 27.21
CA LYS B 104 0.16 -19.25 26.88
C LYS B 104 1.23 -20.15 27.51
N MET B 105 2.41 -19.56 27.77
CA MET B 105 3.52 -20.29 28.37
C MET B 105 3.48 -20.24 29.90
N LYS B 106 2.39 -19.73 30.49
CA LYS B 106 2.30 -19.62 31.94
C LYS B 106 2.09 -21.00 32.53
N GLY B 107 2.86 -21.31 33.58
CA GLY B 107 2.80 -22.59 34.28
C GLY B 107 3.28 -23.76 33.43
N THR B 108 4.10 -23.49 32.40
CA THR B 108 4.77 -24.50 31.59
C THR B 108 6.24 -24.49 32.00
N CYS B 109 7.01 -25.41 31.40
CA CYS B 109 8.45 -25.46 31.60
C CYS B 109 9.15 -24.27 30.94
N VAL B 110 8.50 -23.61 29.98
CA VAL B 110 9.16 -22.60 29.18
C VAL B 110 8.67 -21.20 29.56
N GLU B 111 7.87 -21.11 30.64
CA GLU B 111 7.55 -19.86 31.30
C GLU B 111 8.80 -19.00 31.49
N GLY B 112 8.62 -17.70 31.22
CA GLY B 112 9.65 -16.71 31.46
C GLY B 112 10.48 -16.44 30.20
N THR B 113 10.19 -17.12 29.07
CA THR B 113 11.10 -17.00 27.95
C THR B 113 11.11 -15.58 27.40
N ILE B 114 9.94 -14.93 27.27
CA ILE B 114 9.88 -13.65 26.58
C ILE B 114 10.63 -12.60 27.41
N PRO B 115 10.35 -12.46 28.73
CA PRO B 115 11.08 -11.48 29.54
C PRO B 115 12.57 -11.77 29.53
N LYS B 116 12.92 -13.04 29.57
CA LYS B 116 14.29 -13.46 29.68
C LYS B 116 15.06 -12.95 28.46
N LEU B 117 14.42 -12.97 27.29
CA LEU B 117 15.09 -12.65 26.04
C LEU B 117 15.08 -11.15 25.77
N PHE B 118 13.98 -10.43 26.08
CA PHE B 118 13.78 -9.09 25.53
C PHE B 118 13.72 -7.98 26.58
N ARG B 119 13.68 -8.30 27.88
CA ARG B 119 13.39 -7.31 28.90
C ARG B 119 14.67 -6.84 29.61
N GLY B 120 14.84 -5.52 29.71
CA GLY B 120 15.92 -4.92 30.49
C GLY B 120 15.36 -3.99 31.57
N LYS B 121 16.26 -3.37 32.35
CA LYS B 121 15.87 -2.46 33.42
C LYS B 121 16.56 -1.10 33.31
N MET B 122 15.76 -0.08 33.59
CA MET B 122 16.15 1.31 33.51
C MET B 122 15.90 1.96 34.87
N VAL B 123 16.67 3.00 35.25
CA VAL B 123 16.35 3.84 36.41
C VAL B 123 16.18 5.31 36.00
N SER B 124 15.04 5.89 36.38
CA SER B 124 14.75 7.30 36.23
C SER B 124 15.14 7.99 37.54
N TYR B 125 15.99 9.03 37.50
CA TYR B 125 16.49 9.62 38.74
C TYR B 125 16.46 11.16 38.71
N ILE B 126 16.39 11.74 39.92
CA ILE B 126 16.47 13.18 40.14
C ILE B 126 17.42 13.44 41.30
N GLN B 127 18.50 14.19 41.05
CA GLN B 127 19.49 14.54 42.06
C GLN B 127 19.57 16.06 42.21
N CYS B 128 19.54 16.57 43.45
CA CYS B 128 19.56 18.00 43.75
C CYS B 128 20.99 18.59 43.60
N VAL B 131 21.79 20.25 47.85
CA VAL B 131 22.22 19.26 48.87
C VAL B 131 22.26 17.87 48.24
N ASP B 132 22.55 16.84 49.06
CA ASP B 132 22.59 15.46 48.59
C ASP B 132 21.21 14.81 48.75
N TYR B 133 20.31 15.10 47.79
CA TYR B 133 18.98 14.51 47.75
C TYR B 133 18.80 13.81 46.41
N ARG B 134 18.43 12.52 46.46
CA ARG B 134 18.33 11.71 45.27
C ARG B 134 17.03 10.91 45.29
N SER B 135 16.24 11.07 44.22
CA SER B 135 15.05 10.26 44.00
C SER B 135 15.23 9.39 42.75
N ASP B 136 15.06 8.07 42.91
CA ASP B 136 15.28 7.10 41.85
C ASP B 136 14.07 6.19 41.74
N ARG B 137 13.58 5.97 40.51
CA ARG B 137 12.49 5.04 40.24
C ARG B 137 12.96 4.09 39.13
N ARG B 138 12.75 2.78 39.31
CA ARG B 138 13.21 1.78 38.37
C ARG B 138 12.03 1.34 37.51
N GLU B 139 12.25 1.11 36.21
CA GLU B 139 11.21 0.48 35.40
C GLU B 139 11.80 -0.25 34.18
N ASP B 140 10.96 -1.13 33.63
CA ASP B 140 11.30 -2.11 32.62
C ASP B 140 10.97 -1.59 31.23
N TYR B 141 11.73 -2.12 30.26
CA TYR B 141 11.49 -1.86 28.84
C TYR B 141 11.72 -3.15 28.04
N TYR B 142 10.99 -3.26 26.92
CA TYR B 142 11.16 -4.36 25.98
C TYR B 142 11.69 -3.86 24.64
N ASP B 143 11.79 -2.56 24.46
CA ASP B 143 12.37 -2.01 23.26
C ASP B 143 12.74 -0.56 23.55
N ILE B 144 13.52 0.07 22.66
CA ILE B 144 13.96 1.43 22.85
C ILE B 144 13.74 2.23 21.59
N GLN B 145 13.25 3.46 21.76
CA GLN B 145 12.93 4.36 20.66
C GLN B 145 13.98 5.47 20.62
N LEU B 146 14.79 5.51 19.53
CA LEU B 146 15.91 6.43 19.42
C LEU B 146 15.58 7.63 18.53
N SER B 147 16.00 8.82 18.98
CA SER B 147 15.93 10.05 18.20
C SER B 147 17.03 10.05 17.14
N ILE B 148 16.68 10.39 15.89
CA ILE B 148 17.71 10.49 14.84
C ILE B 148 17.85 11.93 14.33
N LYS B 149 16.82 12.76 14.56
CA LYS B 149 16.79 14.13 14.08
C LYS B 149 17.99 14.93 14.61
N GLY B 150 18.93 15.25 13.72
CA GLY B 150 20.09 16.04 14.09
C GLY B 150 21.22 15.19 14.66
N LYS B 151 21.03 13.87 14.68
CA LYS B 151 22.07 12.95 15.14
C LYS B 151 22.62 12.23 13.92
N LYS B 152 23.93 11.96 13.92
CA LYS B 152 24.61 11.41 12.76
C LYS B 152 24.77 9.90 12.88
N ASN B 153 24.76 9.37 14.11
CA ASN B 153 24.93 7.93 14.27
C ASN B 153 24.31 7.45 15.58
N ILE B 154 24.40 6.13 15.81
CA ILE B 154 23.84 5.42 16.97
C ILE B 154 24.44 5.92 18.28
N PHE B 155 25.77 6.13 18.29
CA PHE B 155 26.48 6.64 19.45
C PHE B 155 25.81 7.91 19.98
N GLU B 156 25.58 8.85 19.07
CA GLU B 156 25.03 10.17 19.40
C GLU B 156 23.63 10.06 20.02
N SER B 157 22.78 9.18 19.47
CA SER B 157 21.44 8.94 20.01
C SER B 157 21.49 8.41 21.45
N PHE B 158 22.49 7.57 21.76
CA PHE B 158 22.61 7.04 23.12
C PHE B 158 23.05 8.16 24.06
N VAL B 159 24.04 8.94 23.60
CA VAL B 159 24.46 10.13 24.32
C VAL B 159 23.27 11.04 24.61
N ASP B 160 22.48 11.36 23.58
CA ASP B 160 21.22 12.10 23.76
C ASP B 160 20.31 11.41 24.76
N TYR B 161 20.15 10.08 24.67
CA TYR B 161 19.13 9.39 25.45
C TYR B 161 19.38 9.48 26.96
N VAL B 162 20.65 9.58 27.40
CA VAL B 162 20.96 9.62 28.83
C VAL B 162 21.44 10.99 29.27
N ALA B 163 21.26 12.01 28.41
CA ALA B 163 21.65 13.36 28.77
C ALA B 163 20.77 13.88 29.91
N VAL B 164 21.39 14.76 30.70
CA VAL B 164 20.80 15.35 31.90
C VAL B 164 19.99 16.58 31.51
N GLU B 165 18.91 16.89 32.24
CA GLU B 165 18.18 18.13 32.00
C GLU B 165 18.02 18.95 33.29
N GLN B 166 18.17 20.29 33.17
CA GLN B 166 18.27 21.19 34.31
C GLN B 166 16.89 21.56 34.89
N LEU B 167 16.80 21.57 36.22
CA LEU B 167 15.63 22.03 36.94
C LEU B 167 16.09 23.14 37.88
N ASP B 168 15.98 24.41 37.47
CA ASP B 168 16.62 25.51 38.22
C ASP B 168 15.63 26.64 38.55
N GLY B 169 15.16 27.39 37.54
CA GLY B 169 14.44 28.63 37.79
C GLY B 169 12.97 28.40 38.09
N ASP B 170 12.11 28.90 37.20
CA ASP B 170 10.66 28.71 37.30
C ASP B 170 10.31 27.22 37.37
N ASN B 171 11.22 26.35 36.91
CA ASN B 171 10.97 24.92 36.99
C ASN B 171 11.94 24.25 37.98
N LYS B 172 11.94 24.72 39.23
CA LYS B 172 12.73 24.12 40.30
C LYS B 172 12.04 22.82 40.75
N TYR B 173 12.70 22.02 41.61
CA TYR B 173 12.15 20.74 42.05
C TYR B 173 11.74 20.80 43.52
N ASP B 174 10.59 20.18 43.85
CA ASP B 174 10.14 20.08 45.23
C ASP B 174 10.84 18.90 45.91
N ALA B 175 11.92 19.21 46.66
CA ALA B 175 12.64 18.18 47.41
C ALA B 175 11.90 17.81 48.69
N GLY B 176 10.67 18.36 48.86
CA GLY B 176 9.86 18.10 50.03
C GLY B 176 10.34 18.93 51.22
N GLU B 177 11.09 18.32 52.15
CA GLU B 177 11.51 18.98 53.38
C GLU B 177 12.64 19.99 53.11
N HIS B 178 13.22 19.95 51.91
CA HIS B 178 14.17 20.97 51.49
C HIS B 178 13.47 21.98 50.57
N GLY B 179 12.20 21.70 50.27
CA GLY B 179 11.42 22.56 49.39
C GLY B 179 12.07 22.67 48.02
N LEU B 180 11.64 23.68 47.26
CA LEU B 180 12.18 23.97 45.94
C LEU B 180 13.70 24.04 46.02
N GLN B 181 14.38 23.11 45.33
CA GLN B 181 15.83 23.06 45.25
C GLN B 181 16.23 22.85 43.78
N GLU B 182 17.49 23.16 43.45
CA GLU B 182 17.98 23.04 42.09
C GLU B 182 18.51 21.62 41.90
N ALA B 183 18.28 21.05 40.71
CA ALA B 183 18.48 19.62 40.47
C ALA B 183 18.44 19.30 38.98
N GLU B 184 18.76 18.04 38.63
CA GLU B 184 18.67 17.58 37.25
C GLU B 184 18.04 16.18 37.12
N LYS B 185 17.27 16.01 36.04
CA LYS B 185 16.54 14.80 35.71
C LYS B 185 17.34 14.00 34.68
N GLY B 186 17.49 12.70 34.95
CA GLY B 186 18.20 11.81 34.04
C GLY B 186 17.66 10.38 34.06
N VAL B 187 18.16 9.58 33.11
CA VAL B 187 17.78 8.19 32.84
C VAL B 187 19.05 7.37 32.58
N LYS B 188 19.12 6.16 33.15
CA LYS B 188 20.29 5.31 32.98
C LYS B 188 19.89 3.84 32.90
N PHE B 189 20.72 3.04 32.23
CA PHE B 189 20.43 1.63 32.08
C PHE B 189 21.08 0.81 33.21
N LEU B 190 20.28 -0.03 33.87
CA LEU B 190 20.81 -0.95 34.87
C LEU B 190 21.24 -2.21 34.15
N THR B 191 20.38 -2.67 33.22
CA THR B 191 20.62 -3.88 32.44
C THR B 191 20.14 -3.71 31.00
N LEU B 192 20.80 -4.48 30.12
CA LEU B 192 20.48 -4.55 28.72
C LEU B 192 20.17 -6.01 28.38
N PRO B 193 19.07 -6.29 27.64
CA PRO B 193 18.69 -7.67 27.35
C PRO B 193 19.56 -8.38 26.33
N PRO B 194 19.49 -9.72 26.28
CA PRO B 194 20.16 -10.49 25.23
C PRO B 194 19.75 -10.09 23.82
N VAL B 195 18.44 -9.89 23.59
CA VAL B 195 18.02 -9.42 22.27
C VAL B 195 17.51 -7.99 22.37
N LEU B 196 18.12 -7.10 21.59
CA LEU B 196 17.90 -5.67 21.70
C LEU B 196 17.14 -5.16 20.48
N HIS B 197 15.91 -4.69 20.68
CA HIS B 197 15.12 -4.07 19.61
C HIS B 197 15.20 -2.55 19.72
N LEU B 198 15.68 -1.89 18.64
CA LEU B 198 15.77 -0.44 18.52
C LEU B 198 14.94 0.11 17.34
N GLN B 199 13.95 0.95 17.63
CA GLN B 199 13.22 1.61 16.57
C GLN B 199 13.82 2.99 16.35
N LEU B 200 13.98 3.42 15.08
CA LEU B 200 14.47 4.76 14.74
C LEU B 200 13.29 5.70 14.47
N MET B 201 13.28 6.89 15.11
CA MET B 201 12.11 7.78 15.02
C MET B 201 12.17 8.60 13.73
N ARG B 202 11.76 7.96 12.63
CA ARG B 202 11.81 8.57 11.31
C ARG B 202 10.46 9.16 10.90
N PHE B 203 9.39 8.75 11.60
CA PHE B 203 8.06 9.20 11.28
C PHE B 203 7.65 10.21 12.34
N MET B 204 7.79 11.51 12.04
CA MET B 204 7.58 12.56 13.03
C MET B 204 6.44 13.52 12.61
N TYR B 205 5.76 14.04 13.65
CA TYR B 205 4.66 14.97 13.49
C TYR B 205 5.20 16.34 13.07
N ASP B 206 4.62 16.89 11.99
CA ASP B 206 4.93 18.24 11.53
C ASP B 206 3.85 19.18 12.07
N PRO B 207 4.20 20.15 12.95
CA PRO B 207 3.19 21.06 13.51
C PRO B 207 2.70 22.01 12.41
N GLN B 208 3.62 22.39 11.50
CA GLN B 208 3.35 23.29 10.38
C GLN B 208 2.21 22.78 9.47
N THR B 209 2.03 21.46 9.30
CA THR B 209 1.06 20.91 8.36
C THR B 209 0.09 19.93 9.03
N ASP B 210 0.13 19.81 10.37
CA ASP B 210 -0.73 18.94 11.16
C ASP B 210 -0.75 17.50 10.63
N GLN B 211 0.42 16.94 10.28
CA GLN B 211 0.50 15.52 9.92
C GLN B 211 1.92 14.97 10.11
N ASN B 212 2.00 13.64 10.10
CA ASN B 212 3.26 12.90 10.27
C ASN B 212 3.99 12.80 8.93
N ILE B 213 5.29 13.09 8.89
CA ILE B 213 6.05 12.74 7.68
C ILE B 213 7.34 12.01 8.02
N LYS B 214 7.79 11.23 7.03
CA LYS B 214 8.99 10.44 7.13
C LYS B 214 10.21 11.34 6.92
N ILE B 215 11.17 11.26 7.85
CA ILE B 215 12.49 11.86 7.73
C ILE B 215 13.44 10.89 7.04
N ASN B 216 14.16 11.34 6.00
CA ASN B 216 14.99 10.44 5.20
C ASN B 216 16.49 10.72 5.37
N ASP B 217 16.85 11.51 6.38
CA ASP B 217 18.23 11.87 6.67
C ASP B 217 19.13 10.62 6.83
N ARG B 218 20.40 10.82 6.49
CA ARG B 218 21.46 9.87 6.76
C ARG B 218 21.55 9.60 8.25
N PHE B 219 21.69 8.32 8.61
CA PHE B 219 21.90 7.89 10.00
C PHE B 219 22.64 6.55 10.04
N GLU B 220 23.83 6.55 10.65
CA GLU B 220 24.79 5.46 10.51
C GLU B 220 24.78 4.53 11.71
N PHE B 221 24.87 3.21 11.44
CA PHE B 221 24.94 2.18 12.46
C PHE B 221 25.99 1.13 12.11
N PRO B 222 26.73 0.64 13.13
CA PRO B 222 27.82 -0.34 12.94
C PRO B 222 27.35 -1.77 12.96
N GLU B 223 28.24 -2.65 12.48
CA GLU B 223 28.09 -4.08 12.64
C GLU B 223 28.31 -4.44 14.11
N GLN B 224 29.10 -3.62 14.82
CA GLN B 224 29.59 -3.91 16.16
C GLN B 224 29.37 -2.73 17.11
N LEU B 225 28.61 -2.95 18.19
CA LEU B 225 28.07 -1.88 19.03
C LEU B 225 28.42 -2.10 20.51
N PRO B 226 29.37 -1.30 21.06
CA PRO B 226 29.67 -1.29 22.50
C PRO B 226 28.73 -0.42 23.31
N LEU B 227 28.17 -0.93 24.40
CA LEU B 227 27.24 -0.11 25.16
C LEU B 227 27.68 0.13 26.60
N ASP B 228 28.90 -0.28 26.98
CA ASP B 228 29.38 -0.14 28.35
C ASP B 228 29.17 1.28 28.91
N GLU B 229 29.41 2.31 28.09
CA GLU B 229 29.46 3.69 28.56
C GLU B 229 28.11 4.23 29.05
N PHE B 230 27.01 3.53 28.72
CA PHE B 230 25.67 4.00 29.00
C PHE B 230 25.01 3.26 30.14
N LEU B 231 25.79 2.43 30.87
CA LEU B 231 25.33 1.74 32.06
C LEU B 231 25.61 2.58 33.32
N GLN B 232 24.78 2.38 34.36
CA GLN B 232 25.06 2.98 35.65
C GLN B 232 26.30 2.33 36.26
N LYS B 233 26.45 1.01 36.17
CA LYS B 233 27.67 0.33 36.59
C LYS B 233 27.99 -0.83 35.65
N THR B 234 29.26 -0.88 35.21
CA THR B 234 29.71 -1.89 34.28
C THR B 234 30.13 -3.11 35.10
N ASP B 235 30.49 -4.16 34.37
CA ASP B 235 30.79 -5.48 34.89
C ASP B 235 31.98 -6.04 34.10
N PRO B 236 33.19 -6.10 34.68
CA PRO B 236 34.33 -6.66 33.95
C PRO B 236 34.15 -8.11 33.47
N LYS B 237 33.06 -8.78 33.89
CA LYS B 237 32.74 -10.11 33.41
C LYS B 237 32.11 -10.07 32.01
N ASP B 238 30.97 -9.38 31.89
CA ASP B 238 30.21 -9.30 30.65
C ASP B 238 30.29 -7.86 30.17
N PRO B 239 31.21 -7.55 29.21
CA PRO B 239 31.20 -6.26 28.50
C PRO B 239 29.96 -6.26 27.62
N ALA B 240 29.28 -5.11 27.56
CA ALA B 240 27.98 -5.02 26.89
C ALA B 240 28.16 -4.78 25.38
N ASN B 241 28.75 -5.76 24.70
CA ASN B 241 29.06 -5.63 23.28
C ASN B 241 28.05 -6.44 22.49
N TYR B 242 27.47 -5.80 21.46
CA TYR B 242 26.42 -6.37 20.64
C TYR B 242 26.81 -6.43 19.17
N ILE B 243 26.10 -7.31 18.43
CA ILE B 243 26.31 -7.65 17.03
C ILE B 243 24.99 -7.52 16.26
N LEU B 244 25.06 -7.01 15.04
CA LEU B 244 23.88 -6.77 14.22
C LEU B 244 23.34 -8.07 13.65
N HIS B 245 22.02 -8.29 13.85
CA HIS B 245 21.32 -9.47 13.38
C HIS B 245 20.33 -9.13 12.24
N ALA B 246 19.59 -8.01 12.36
CA ALA B 246 18.60 -7.66 11.35
C ALA B 246 18.43 -6.13 11.15
N VAL B 247 18.05 -5.77 9.91
CA VAL B 247 17.82 -4.39 9.54
C VAL B 247 16.51 -4.29 8.77
N LEU B 248 15.41 -3.81 9.40
CA LEU B 248 14.15 -3.61 8.68
C LEU B 248 14.10 -2.23 8.01
N VAL B 249 13.53 -2.21 6.79
CA VAL B 249 13.80 -1.15 5.81
C VAL B 249 12.54 -0.81 5.01
N HIS B 250 12.45 0.42 4.47
CA HIS B 250 11.23 0.94 3.87
C HIS B 250 11.47 2.03 2.83
N SER B 251 10.56 2.12 1.85
CA SER B 251 10.50 3.17 0.83
C SER B 251 9.04 3.54 0.56
N GLY B 252 8.75 4.82 0.35
CA GLY B 252 7.37 5.27 0.20
C GLY B 252 6.81 4.92 -1.17
N ASP B 253 5.49 4.66 -1.22
CA ASP B 253 4.80 4.29 -2.45
C ASP B 253 3.29 4.49 -2.24
N ASN B 254 2.51 4.26 -3.31
CA ASN B 254 1.07 4.48 -3.38
C ASN B 254 0.31 3.18 -3.15
N HIS B 255 1.03 2.04 -3.21
CA HIS B 255 0.39 0.72 -3.19
C HIS B 255 0.47 0.09 -1.80
N GLY B 256 1.06 0.79 -0.82
CA GLY B 256 1.18 0.31 0.55
C GLY B 256 2.52 0.65 1.19
N GLY B 257 3.55 0.82 0.36
CA GLY B 257 4.92 0.94 0.86
C GLY B 257 5.74 -0.22 0.31
N HIS B 258 7.02 0.03 0.04
CA HIS B 258 7.96 -1.06 -0.20
C HIS B 258 8.66 -1.41 1.11
N TYR B 259 8.42 -2.63 1.61
CA TYR B 259 9.06 -3.09 2.85
C TYR B 259 9.93 -4.32 2.64
N VAL B 260 11.13 -4.29 3.25
CA VAL B 260 12.08 -5.38 3.16
C VAL B 260 12.87 -5.55 4.45
N VAL B 261 13.31 -6.79 4.73
CA VAL B 261 14.26 -7.04 5.82
C VAL B 261 15.53 -7.74 5.33
N TYR B 262 16.67 -7.29 5.88
CA TYR B 262 17.97 -7.91 5.68
C TYR B 262 18.36 -8.67 6.94
N LEU B 263 18.78 -9.94 6.81
CA LEU B 263 19.23 -10.75 7.94
C LEU B 263 20.59 -11.43 7.69
N ASN B 264 21.38 -11.63 8.76
CA ASN B 264 22.31 -12.76 8.78
C ASN B 264 21.87 -13.72 9.87
N PRO B 265 21.01 -14.69 9.51
CA PRO B 265 20.38 -15.57 10.47
C PRO B 265 21.31 -16.29 11.44
N LYS B 266 22.50 -16.71 10.98
CA LYS B 266 23.38 -17.55 11.79
C LYS B 266 24.44 -16.75 12.57
N GLY B 267 24.51 -15.43 12.41
CA GLY B 267 25.38 -14.59 13.21
C GLY B 267 26.80 -14.54 12.66
N ASP B 268 26.97 -15.07 11.45
CA ASP B 268 28.28 -15.24 10.82
C ASP B 268 28.48 -14.25 9.67
N GLY B 269 27.81 -13.08 9.72
CA GLY B 269 27.96 -12.05 8.70
C GLY B 269 27.57 -12.46 7.27
N LYS B 270 26.85 -13.58 7.07
CA LYS B 270 26.41 -14.00 5.74
C LYS B 270 24.95 -13.55 5.52
N TRP B 271 24.78 -12.46 4.76
CA TRP B 271 23.53 -11.72 4.73
C TRP B 271 22.59 -12.17 3.61
N CYS B 272 21.29 -12.22 3.92
CA CYS B 272 20.21 -12.47 2.97
C CYS B 272 19.21 -11.31 2.94
N LYS B 273 18.52 -11.13 1.81
CA LYS B 273 17.51 -10.09 1.61
C LYS B 273 16.14 -10.75 1.47
N PHE B 274 15.18 -10.34 2.30
CA PHE B 274 13.85 -10.92 2.27
C PHE B 274 12.82 -9.88 1.84
N ASP B 275 12.17 -10.16 0.70
CA ASP B 275 11.19 -9.28 0.09
C ASP B 275 9.93 -10.09 -0.24
N ASP B 276 9.00 -10.21 0.72
CA ASP B 276 7.85 -11.08 0.61
C ASP B 276 8.29 -12.45 0.08
N ASP B 277 7.98 -12.78 -1.18
CA ASP B 277 8.12 -14.15 -1.71
C ASP B 277 9.50 -14.41 -2.31
N VAL B 278 10.35 -13.39 -2.32
CA VAL B 278 11.65 -13.46 -2.97
C VAL B 278 12.72 -13.34 -1.90
N VAL B 279 13.56 -14.37 -1.82
CA VAL B 279 14.66 -14.42 -0.86
C VAL B 279 15.96 -14.69 -1.63
N SER B 280 17.01 -13.90 -1.35
CA SER B 280 18.24 -13.94 -2.13
C SER B 280 19.46 -13.55 -1.27
N ARG B 281 20.65 -14.00 -1.68
CA ARG B 281 21.89 -13.62 -1.02
C ARG B 281 22.26 -12.20 -1.45
N CYS B 282 22.98 -11.48 -0.56
CA CYS B 282 23.40 -10.13 -0.87
C CYS B 282 24.62 -9.77 -0.03
N THR B 283 25.23 -8.62 -0.33
CA THR B 283 26.46 -8.17 0.32
C THR B 283 26.16 -7.40 1.60
N LYS B 284 27.12 -7.53 2.52
CA LYS B 284 27.19 -6.76 3.74
C LYS B 284 26.84 -5.29 3.47
N GLU B 285 27.38 -4.72 2.37
CA GLU B 285 27.20 -3.31 2.09
C GLU B 285 25.75 -2.99 1.74
N GLU B 286 25.09 -3.90 1.02
CA GLU B 286 23.68 -3.71 0.72
C GLU B 286 22.89 -3.68 2.03
N ALA B 287 23.33 -4.48 3.02
CA ALA B 287 22.60 -4.62 4.27
C ALA B 287 22.83 -3.43 5.20
N ILE B 288 24.00 -2.78 5.10
CA ILE B 288 24.38 -1.80 6.11
C ILE B 288 24.40 -0.41 5.50
N GLU B 289 25.51 -0.01 4.89
CA GLU B 289 25.66 1.35 4.38
C GLU B 289 24.48 1.78 3.50
N HIS B 290 24.01 0.89 2.61
CA HIS B 290 22.98 1.26 1.65
C HIS B 290 21.64 1.51 2.33
N ASN B 291 21.60 1.43 3.68
CA ASN B 291 20.36 1.65 4.42
C ASN B 291 20.56 2.78 5.44
N TYR B 292 21.59 3.60 5.22
CA TYR B 292 21.83 4.78 6.04
C TYR B 292 20.86 5.89 5.63
N GLY B 293 20.54 5.96 4.32
CA GLY B 293 19.69 6.99 3.74
C GLY B 293 20.44 8.26 3.32
N GLY B 294 19.69 9.38 3.25
CA GLY B 294 20.12 10.59 2.57
C GLY B 294 19.08 11.02 1.54
N CYS B 304 14.46 5.04 -2.43
CA CYS B 304 15.58 4.26 -1.81
C CYS B 304 15.23 3.81 -0.40
N THR B 305 15.26 2.51 -0.17
CA THR B 305 14.97 1.98 1.16
C THR B 305 16.04 2.38 2.18
N ASN B 306 15.59 2.72 3.40
CA ASN B 306 16.45 2.95 4.56
C ASN B 306 15.76 2.39 5.81
N ALA B 307 16.48 2.40 6.94
CA ALA B 307 16.16 1.53 8.06
C ALA B 307 15.26 2.25 9.06
N TYR B 308 14.26 1.51 9.59
CA TYR B 308 13.46 2.03 10.69
C TYR B 308 13.62 1.16 11.93
N MET B 309 14.17 -0.05 11.82
CA MET B 309 14.36 -0.87 13.02
C MET B 309 15.57 -1.77 12.88
N LEU B 310 16.33 -1.85 13.98
CA LEU B 310 17.55 -2.65 14.06
C LEU B 310 17.39 -3.67 15.19
N VAL B 311 17.88 -4.89 14.95
CA VAL B 311 17.99 -5.88 16.02
C VAL B 311 19.46 -6.23 16.24
N TYR B 312 19.94 -6.01 17.47
CA TYR B 312 21.28 -6.41 17.88
C TYR B 312 21.22 -7.54 18.90
N ILE B 313 22.19 -8.47 18.85
CA ILE B 313 22.29 -9.55 19.85
C ILE B 313 23.63 -9.53 20.60
N ARG B 314 23.57 -9.74 21.92
CA ARG B 314 24.74 -9.69 22.80
C ARG B 314 25.73 -10.81 22.51
N GLU B 315 27.01 -10.44 22.40
CA GLU B 315 28.10 -11.35 22.04
C GLU B 315 28.09 -12.59 22.92
N SER B 316 27.90 -12.38 24.23
CA SER B 316 28.01 -13.43 25.22
C SER B 316 26.88 -14.46 25.09
N LYS B 317 25.79 -14.15 24.38
CA LYS B 317 24.65 -15.05 24.30
C LYS B 317 24.27 -15.43 22.87
N LEU B 318 25.04 -14.96 21.88
CA LEU B 318 24.76 -15.21 20.48
C LEU B 318 24.45 -16.68 20.20
N SER B 319 25.23 -17.57 20.82
CA SER B 319 25.19 -18.99 20.49
C SER B 319 23.96 -19.70 21.04
N GLU B 320 23.55 -19.29 22.24
CA GLU B 320 22.33 -19.78 22.85
C GLU B 320 21.15 -19.25 22.04
N VAL B 321 21.07 -17.92 21.89
CA VAL B 321 19.98 -17.27 21.20
C VAL B 321 19.77 -17.95 19.84
N LEU B 322 20.88 -18.21 19.13
CA LEU B 322 20.83 -18.70 17.75
C LEU B 322 21.00 -20.23 17.66
N GLN B 323 20.73 -20.99 18.74
CA GLN B 323 20.89 -22.45 18.75
C GLN B 323 20.11 -23.10 17.59
N ALA B 324 20.62 -24.17 17.01
CA ALA B 324 19.98 -24.84 15.87
C ALA B 324 18.68 -25.51 16.29
N VAL B 325 17.79 -25.74 15.30
CA VAL B 325 16.44 -26.26 15.51
C VAL B 325 16.23 -27.44 14.56
N THR B 326 15.76 -28.57 15.10
CA THR B 326 15.47 -29.76 14.32
C THR B 326 13.97 -30.03 14.36
N ASP B 327 13.52 -30.98 13.53
CA ASP B 327 12.14 -31.42 13.56
C ASP B 327 11.82 -32.16 14.86
N HIS B 328 12.85 -32.66 15.57
CA HIS B 328 12.66 -33.21 16.91
C HIS B 328 11.92 -32.23 17.80
N ASP B 329 12.34 -30.96 17.73
CA ASP B 329 11.89 -29.93 18.65
C ASP B 329 10.41 -29.59 18.47
N ILE B 330 9.74 -30.09 17.43
CA ILE B 330 8.31 -29.88 17.24
C ILE B 330 7.50 -31.09 17.74
N PRO B 331 6.73 -30.97 18.84
CA PRO B 331 5.80 -32.03 19.26
C PRO B 331 4.92 -32.61 18.16
N GLN B 332 4.68 -33.91 18.25
CA GLN B 332 3.92 -34.61 17.23
C GLN B 332 2.46 -34.16 17.19
N GLN B 333 1.92 -33.77 18.36
CA GLN B 333 0.55 -33.30 18.46
C GLN B 333 0.32 -32.21 17.41
N LEU B 334 1.23 -31.23 17.43
CA LEU B 334 1.18 -30.12 16.50
C LEU B 334 1.43 -30.62 15.09
N VAL B 335 2.49 -31.41 14.88
CA VAL B 335 2.78 -31.90 13.55
C VAL B 335 1.52 -32.47 12.91
N GLU B 336 0.84 -33.34 13.67
CA GLU B 336 -0.31 -34.09 13.16
C GLU B 336 -1.44 -33.14 12.78
N ARG B 337 -1.70 -32.16 13.65
CA ARG B 337 -2.80 -31.21 13.47
C ARG B 337 -2.57 -30.37 12.22
N LEU B 338 -1.27 -30.14 11.91
CA LEU B 338 -0.86 -29.28 10.80
C LEU B 338 -0.83 -30.07 9.50
N GLN B 339 -0.37 -31.32 9.53
CA GLN B 339 -0.46 -32.15 8.35
C GLN B 339 -1.94 -32.26 7.95
N GLU B 340 -2.79 -32.59 8.94
CA GLU B 340 -4.22 -32.77 8.73
C GLU B 340 -4.79 -31.56 7.97
N GLU B 341 -4.58 -30.36 8.54
CA GLU B 341 -5.03 -29.12 7.94
C GLU B 341 -4.74 -29.11 6.43
N LYS B 342 -3.53 -29.57 6.04
CA LYS B 342 -3.03 -29.44 4.68
C LYS B 342 -3.60 -30.49 3.73
N ARG B 343 -4.48 -31.38 4.22
CA ARG B 343 -5.13 -32.35 3.35
C ARG B 343 -6.45 -31.76 2.84
N ILE B 344 -7.20 -31.10 3.73
CA ILE B 344 -8.43 -30.40 3.34
C ILE B 344 -8.10 -29.37 2.26
N GLU B 345 -6.93 -28.72 2.40
CA GLU B 345 -6.43 -27.75 1.43
C GLU B 345 -6.18 -28.41 0.08
N ALA B 346 -5.51 -29.58 0.10
CA ALA B 346 -5.17 -30.30 -1.12
C ALA B 346 -6.39 -30.54 -2.01
N GLN B 347 -7.59 -30.61 -1.43
CA GLN B 347 -8.84 -30.74 -2.18
C GLN B 347 -8.82 -29.89 -3.46
N1 A1ICW C . -1.09 -5.05 -9.10
N3 A1ICW C . -6.34 -3.03 -16.66
C4 A1ICW C . -2.48 -5.31 -8.71
C5 A1ICW C . -0.16 -6.04 -8.57
C6 A1ICW C . -0.62 -6.62 -7.24
C7 A1ICW C . -0.35 -8.10 -7.18
C8 A1ICW C . -0.27 -8.75 -5.95
C10 A1ICW C . 0.19 -10.82 -7.04
C13 A1ICW C . -1.02 -4.99 -10.56
C15 A1ICW C . -1.43 -3.38 -12.43
C17 A1ICW C . -1.62 -3.91 -14.77
C20 A1ICW C . -0.67 -2.27 -12.78
C21 A1ICW C . -5.32 -0.98 -12.22
C22 A1ICW C . -5.11 -0.89 -13.71
C24 A1ICW C . -5.61 -1.94 -15.98
C26 A1ICW C . -7.85 -4.93 -17.90
C28 A1ICW C . -8.12 -7.09 -18.88
O1 A1ICW C . -3.51 -1.43 -10.16
C1 A1ICW C . -3.87 -2.41 -10.82
C2 A1ICW C . -3.20 -3.75 -10.60
C3 A1ICW C . -3.40 -4.18 -9.14
C9 A1ICW C . -0.01 -10.11 -5.88
C11 A1ICW C . 0.10 -10.20 -8.26
C12 A1ICW C . -0.15 -8.85 -8.34
C14 A1ICW C . -1.70 -3.69 -10.97
C16 A1ICW C . -1.87 -4.20 -13.45
C18 A1ICW C . -0.88 -2.80 -15.09
C19 A1ICW C . -0.43 -1.98 -14.11
N2 A1ICW C . -4.84 -2.28 -11.73
C23 A1ICW C . -5.80 -2.04 -14.44
O2 A1ICW C . -7.19 -1.87 -14.14
C25 A1ICW C . -7.66 -2.85 -16.97
N4 A1ICW C . -8.42 -3.71 -17.55
C27 A1ICW C . -8.65 -5.89 -18.53
C29 A1ICW C . -6.77 -7.39 -18.62
C30 A1ICW C . -5.97 -6.45 -18.01
C31 A1ICW C . -6.51 -5.22 -17.65
C32 A1ICW C . -5.69 -4.22 -16.99
O3 A1ICW C . -4.51 -4.38 -16.72
C33 A1ICW C . -5.36 -3.37 -13.83
C34 A1ICW C . -5.56 -3.41 -12.33
H4 A1ICW C . -2.78 -6.14 -9.12
H5 A1ICW C . -2.54 -5.41 -7.76
H6 A1ICW C . 0.71 -5.61 -8.44
H7 A1ICW C . -0.05 -6.76 -9.23
H8 A1ICW C . -1.57 -6.46 -7.11
H9 A1ICW C . -0.13 -6.17 -6.51
H10 A1ICW C . -0.40 -8.26 -5.16
H12 A1ICW C . 0.35 -11.75 -6.99
H16 A1ICW C . -0.09 -4.99 -10.85
H15 A1ICW C . -1.51 -5.76 -10.95
H19 A1ICW C . -1.94 -4.47 -15.45
H22 A1ICW C . -0.36 -1.69 -12.11
H24 A1ICW C . -6.28 -0.88 -12.01
H23 A1ICW C . -4.84 -0.25 -11.77
H26 A1ICW C . -5.47 -0.04 -14.04
H25 A1ICW C . -4.15 -0.93 -13.90
H29 A1ICW C . -5.95 -1.07 -16.28
H28 A1ICW C . -4.65 -2.01 -16.18
H32 A1ICW C . -8.66 -7.73 -19.31
H1 A1ICW C . -3.64 -4.44 -11.18
H2 A1ICW C . -4.33 -4.45 -9.01
H3 A1ICW C . -3.23 -3.41 -8.56
H11 A1ICW C . 0.05 -10.55 -5.04
H13 A1ICW C . 0.23 -10.70 -9.05
H14 A1ICW C . -0.20 -8.43 -9.18
H17 A1ICW C . -1.30 -2.96 -10.43
H18 A1ICW C . -2.38 -4.96 -13.23
H20 A1ICW C . -0.71 -2.61 -16.00
H21 A1ICW C . 0.09 -1.22 -14.34
H27 A1ICW C . -7.62 -2.50 -14.51
H30 A1ICW C . -8.05 -2.03 -16.72
H31 A1ICW C . -9.56 -5.70 -18.70
H33 A1ICW C . -6.41 -8.22 -18.88
H34 A1ICW C . -5.07 -6.66 -17.84
H35 A1ICW C . -4.41 -3.52 -14.05
H36 A1ICW C . -5.88 -4.11 -14.25
H37 A1ICW C . -5.21 -4.27 -11.98
H38 A1ICW C . -6.51 -3.35 -12.12
N1 A1ICW D . 3.83 5.46 5.94
N3 A1ICW D . 8.80 4.11 14.21
C4 A1ICW D . 2.89 5.16 7.00
C5 A1ICW D . 3.55 6.78 5.33
C6 A1ICW D . 2.29 6.84 4.46
C7 A1ICW D . 1.15 7.45 5.24
C8 A1ICW D . 1.31 8.65 5.94
C10 A1ICW D . -0.94 8.53 6.76
C13 A1ICW D . 5.17 5.59 6.52
C15 A1ICW D . 7.11 4.54 7.79
C17 A1ICW D . 8.77 5.81 8.98
C20 A1ICW D . 8.06 3.55 7.61
C21 A1ICW D . 6.44 1.45 10.67
C22 A1ICW D . 7.78 1.86 11.26
C24 A1ICW D . 8.96 3.29 13.00
C26 A1ICW D . 8.50 5.47 16.55
C28 A1ICW D . 8.32 7.51 17.81
O1 A1ICW D . 4.88 1.58 8.48
C1 A1ICW D . 5.10 2.66 9.03
C2 A1ICW D . 4.69 3.96 8.34
C3 A1ICW D . 3.29 3.86 7.70
C9 A1ICW D . 0.27 9.18 6.70
C11 A1ICW D . -1.13 7.34 6.09
C12 A1ICW D . -0.10 6.82 5.31
C14 A1ICW D . 5.71 4.35 7.24
C16 A1ICW D . 7.48 5.68 8.49
C18 A1ICW D . 9.70 4.81 8.75
C19 A1ICW D . 9.34 3.69 8.09
N2 A1ICW D . 5.66 2.62 10.25
C23 A1ICW D . 7.60 2.85 12.40
O2 A1ICW D . 6.89 2.14 13.43
C25 A1ICW D . 8.68 3.48 15.42
N4 A1ICW D . 8.52 4.07 16.55
C27 A1ICW D . 8.34 6.13 17.77
C29 A1ICW D . 8.46 8.24 16.61
C30 A1ICW D . 8.62 7.60 15.40
C31 A1ICW D . 8.64 6.20 15.37
C32 A1ICW D . 8.81 5.50 14.11
O3 A1ICW D . 8.93 6.05 13.03
C33 A1ICW D . 6.77 4.05 11.92
C34 A1ICW D . 5.46 3.61 11.32
H4 A1ICW D . 2.88 5.89 7.65
H5 A1ICW D . 1.99 5.08 6.64
H6 A1ICW D . 4.32 7.03 4.77
H7 A1ICW D . 3.49 7.44 6.04
H8 A1ICW D . 2.04 5.93 4.16
H9 A1ICW D . 2.46 7.37 3.66
H10 A1ICW D . 2.14 9.09 5.92
H12 A1ICW D . -1.65 8.91 7.27
H16 A1ICW D . 5.82 5.82 5.81
H15 A1ICW D . 5.18 6.35 7.15
H19 A1ICW D . 9.02 6.59 9.44
H22 A1ICW D . 7.82 2.77 7.14
H24 A1ICW D . 5.93 0.94 11.34
H23 A1ICW D . 6.60 0.87 9.90
H26 A1ICW D . 8.24 1.05 11.60
H25 A1ICW D . 8.33 2.27 10.56
H29 A1ICW D . 9.47 2.48 13.21
H28 A1ICW D . 9.45 3.79 12.31
H32 A1ICW D . 8.21 7.95 18.62
H1 A1ICW D . 4.66 4.67 9.02
H2 A1ICW D . 2.63 3.66 8.40
H3 A1ICW D . 3.27 3.13 7.06
H11 A1ICW D . 0.40 10.00 7.16
H13 A1ICW D . -1.96 6.91 6.12
H14 A1ICW D . -0.23 6.00 4.87
H17 A1ICW D . 5.73 3.62 6.59
H18 A1ICW D . 6.85 6.37 8.63
H20 A1ICW D . 10.58 4.90 9.09
H21 A1ICW D . 9.97 3.00 7.95
H27 A1ICW D . 6.77 2.65 14.07
H30 A1ICW D . 8.68 2.55 15.41
H31 A1ICW D . 8.25 5.64 18.57
H33 A1ICW D . 8.44 9.19 16.64
H34 A1ICW D . 8.71 8.10 14.62
H35 A1ICW D . 7.29 4.54 11.24
H36 A1ICW D . 6.60 4.65 12.67
H37 A1ICW D . 4.98 4.39 10.96
H38 A1ICW D . 4.90 3.21 12.03
#